data_6TKZ
#
_entry.id   6TKZ
#
_cell.length_a   97.170
_cell.length_b   97.170
_cell.length_c   312.000
_cell.angle_alpha   90.000
_cell.angle_beta   90.000
_cell.angle_gamma   90.000
#
_symmetry.space_group_name_H-M   'P 41 21 2'
#
loop_
_entity.id
_entity.type
_entity.pdbx_description
1 polymer 'Dedicator of cytokinesis protein 10'
2 polymer 'Cell division control protein 42 homolog'
3 non-polymer "GUANOSINE-5'-DIPHOSPHATE"
4 non-polymer GLYCEROL
5 water water
#
loop_
_entity_poly.entity_id
_entity_poly.type
_entity_poly.pdbx_seq_one_letter_code
_entity_poly.pdbx_strand_id
1 'polypeptide(L)'
;STPELRRTWLESMAKIHARNGDLSEAAMCYIHIAALIAEYLKRKGYWKVEKICTASLLSEDTHPCDSNSLLTTPSGGSMF
SMGWPAFLSITPNIKEEGAMKEDSGMQDTPYNENILVEQLYMCVEFLWKSERYELIADVNKPIIAVFEKQRDFKKLSDLY
YDIHRSYLKVAEVVNSEKRLFGRYYRVAFYGQGFFEEEEGKEYIYKEPKLTGLSEISQRLLKLYADKFGADNVKIIQDSN
KVNPKDLDPKYAYIQVTYVTPFFEEKEIEDRKTDFEMHHNINRFVFETPFTLSGKKHGGVAEQCKRRTILTTSHLFPYVK
KRIQVISQSSTELNPIEVAIDEMSKKVSELNQLCTMEEVDMIRLQLKLQGSVSVKVNAGPMAYARAFLEETNAKKYPDNQ
VKLLKEIFRQFADACGQALDVNERLIKEDQLEYQEELRSHYKDMLSELSTVMNEQITG
;
B,A
2 'polypeptide(L)'
;MQTIKCVVVGDGAVGKTCLLISYTTNKFPSEYVPTVFDNYAVTVMIGGEPYTLGLFDTAGQEDYDRLRPLSYPQTDVFLV
CFSVVSPSSFENVKEKWVPEITHHCPKTPFLLVGTQIDLRDDPSTIEKLAKNKQKPITPETAEKLARDLKAVKYVECSAL
TQKGLKNVFDEAILAALEPPEPKKSRRC
;
C,D
#
loop_
_chem_comp.id
_chem_comp.type
_chem_comp.name
_chem_comp.formula
GDP RNA linking GUANOSINE-5'-DIPHOSPHATE 'C10 H15 N5 O11 P2'
GOL non-polymer GLYCEROL 'C3 H8 O3'
#
# COMPACT_ATOMS: atom_id res chain seq x y z
N SER A 1 12.00 -30.74 8.22
CA SER A 1 12.18 -30.38 9.61
C SER A 1 13.00 -31.47 10.34
N THR A 2 13.68 -32.37 9.55
CA THR A 2 14.56 -33.40 10.10
C THR A 2 16.01 -33.04 9.83
N PRO A 3 16.86 -32.99 10.88
CA PRO A 3 18.23 -32.48 10.71
C PRO A 3 18.93 -32.95 9.45
N GLU A 4 19.13 -34.25 9.27
CA GLU A 4 19.83 -34.66 8.06
C GLU A 4 18.96 -34.58 6.80
N LEU A 5 17.63 -34.54 6.94
CA LEU A 5 16.80 -34.29 5.76
C LEU A 5 17.03 -32.87 5.24
N ARG A 6 17.09 -31.90 6.16
CA ARG A 6 17.36 -30.52 5.80
C ARG A 6 18.81 -30.33 5.34
N ARG A 7 19.75 -31.05 5.96
CA ARG A 7 21.16 -30.85 5.66
C ARG A 7 21.54 -31.35 4.28
N THR A 8 21.09 -32.56 3.92
CA THR A 8 21.35 -33.03 2.55
C THR A 8 20.65 -32.15 1.53
N TRP A 9 19.46 -31.64 1.85
CA TRP A 9 18.81 -30.74 0.91
C TRP A 9 19.66 -29.50 0.67
N LEU A 10 20.14 -28.86 1.76
CA LEU A 10 20.98 -27.67 1.63
C LEU A 10 22.27 -27.97 0.89
N GLU A 11 22.88 -29.11 1.17
CA GLU A 11 24.09 -29.43 0.43
C GLU A 11 23.79 -29.69 -1.04
N SER A 12 22.59 -30.22 -1.35
CA SER A 12 22.23 -30.41 -2.75
C SER A 12 22.03 -29.08 -3.46
N MET A 13 21.27 -28.17 -2.84
CA MET A 13 21.11 -26.84 -3.39
C MET A 13 22.45 -26.14 -3.57
N ALA A 14 23.36 -26.28 -2.60
CA ALA A 14 24.69 -25.68 -2.71
C ALA A 14 25.36 -26.10 -4.01
N LYS A 15 25.32 -27.40 -4.32
CA LYS A 15 26.00 -27.90 -5.52
C LYS A 15 25.28 -27.45 -6.80
N ILE A 16 23.95 -27.54 -6.80
CA ILE A 16 23.16 -26.96 -7.90
C ILE A 16 23.51 -25.48 -8.08
N HIS A 17 23.45 -24.69 -7.00
CA HIS A 17 23.75 -23.26 -7.13
C HIS A 17 25.13 -23.03 -7.71
N ALA A 18 26.11 -23.86 -7.33
CA ALA A 18 27.48 -23.67 -7.81
C ALA A 18 27.56 -23.91 -9.31
N ARG A 19 26.91 -24.97 -9.80
CA ARG A 19 26.86 -25.19 -11.25
C ARG A 19 26.14 -24.05 -11.95
N ASN A 20 25.00 -23.61 -11.42
CA ASN A 20 24.27 -22.54 -12.11
C ASN A 20 24.90 -21.16 -11.99
N GLY A 21 26.01 -21.01 -11.25
CA GLY A 21 26.58 -19.69 -11.05
C GLY A 21 25.84 -18.83 -10.05
N ASP A 22 24.95 -19.40 -9.25
CA ASP A 22 24.29 -18.63 -8.20
C ASP A 22 25.13 -18.79 -6.92
N LEU A 23 26.23 -18.03 -6.89
CA LEU A 23 27.27 -18.28 -5.91
C LEU A 23 26.90 -17.73 -4.52
N SER A 24 26.10 -16.65 -4.45
CA SER A 24 25.62 -16.18 -3.15
C SER A 24 24.69 -17.20 -2.51
N GLU A 25 23.81 -17.79 -3.32
CA GLU A 25 22.90 -18.79 -2.81
C GLU A 25 23.69 -19.99 -2.29
N ALA A 26 24.80 -20.32 -2.96
CA ALA A 26 25.68 -21.38 -2.47
C ALA A 26 26.27 -21.01 -1.11
N ALA A 27 26.87 -19.81 -1.02
CA ALA A 27 27.37 -19.36 0.29
C ALA A 27 26.26 -19.45 1.34
N MET A 28 25.04 -19.04 1.00
CA MET A 28 23.96 -19.08 1.99
C MET A 28 23.67 -20.51 2.44
N CYS A 29 23.56 -21.45 1.49
CA CYS A 29 23.40 -22.86 1.84
C CYS A 29 24.44 -23.32 2.86
N TYR A 30 25.71 -22.96 2.67
CA TYR A 30 26.69 -23.45 3.62
C TYR A 30 26.53 -22.78 4.99
N ILE A 31 26.18 -21.48 5.02
CA ILE A 31 26.03 -20.84 6.33
C ILE A 31 24.76 -21.38 7.02
N HIS A 32 23.73 -21.74 6.26
CA HIS A 32 22.58 -22.40 6.86
C HIS A 32 22.96 -23.79 7.40
N ILE A 33 23.81 -24.54 6.68
CA ILE A 33 24.28 -25.82 7.19
C ILE A 33 25.00 -25.61 8.53
N ALA A 34 26.01 -24.72 8.54
CA ALA A 34 26.78 -24.42 9.75
C ALA A 34 25.87 -24.00 10.90
N ALA A 35 24.86 -23.18 10.60
CA ALA A 35 23.88 -22.80 11.62
C ALA A 35 23.14 -24.01 12.17
N LEU A 36 22.76 -24.96 11.30
CA LEU A 36 22.02 -26.16 11.72
C LEU A 36 22.87 -27.05 12.59
N ILE A 37 24.06 -27.41 12.11
CA ILE A 37 25.04 -28.13 12.92
C ILE A 37 25.23 -27.47 14.28
N ALA A 38 25.32 -26.14 14.31
CA ALA A 38 25.55 -25.49 15.60
C ALA A 38 24.33 -25.64 16.50
N GLU A 39 23.14 -25.56 15.93
CA GLU A 39 21.94 -25.72 16.75
C GLU A 39 21.81 -27.16 17.24
N TYR A 40 22.12 -28.13 16.38
CA TYR A 40 22.03 -29.54 16.75
C TYR A 40 23.01 -29.89 17.87
N LEU A 41 24.29 -29.53 17.70
CA LEU A 41 25.25 -29.76 18.78
C LEU A 41 24.81 -29.06 20.07
N LYS A 42 24.17 -27.89 19.96
CA LYS A 42 23.75 -27.20 21.17
C LYS A 42 22.62 -27.96 21.86
N ARG A 43 21.61 -28.36 21.10
CA ARG A 43 20.49 -29.13 21.67
C ARG A 43 20.95 -30.50 22.19
N LYS A 44 21.74 -31.22 21.41
CA LYS A 44 22.34 -32.47 21.90
C LYS A 44 23.63 -32.20 22.68
N GLY A 45 23.57 -31.26 23.62
CA GLY A 45 24.66 -30.92 24.52
C GLY A 45 26.09 -31.22 24.08
N TYR A 46 26.83 -30.20 23.65
CA TYR A 46 28.19 -30.37 23.17
C TYR A 46 29.12 -29.23 23.58
N TRP A 47 28.60 -28.03 23.83
CA TRP A 47 29.37 -26.83 24.12
C TRP A 47 30.37 -26.47 23.01
N PHE A 80 29.85 -21.92 17.35
CA PHE A 80 29.86 -21.41 18.71
C PHE A 80 28.62 -21.84 19.52
N SER A 81 28.54 -21.40 20.78
CA SER A 81 27.68 -22.06 21.76
C SER A 81 26.21 -21.62 21.72
N MET A 82 25.86 -20.47 21.12
CA MET A 82 24.47 -20.01 21.17
C MET A 82 23.54 -20.79 20.25
N GLY A 83 24.07 -21.68 19.40
CA GLY A 83 23.27 -22.38 18.41
C GLY A 83 23.17 -21.64 17.09
N TRP A 84 21.99 -21.64 16.47
CA TRP A 84 21.87 -20.92 15.20
C TRP A 84 22.08 -19.41 15.32
N PRO A 85 21.77 -18.72 16.42
CA PRO A 85 22.05 -17.27 16.48
C PRO A 85 23.51 -16.91 16.22
N ALA A 86 24.43 -17.86 16.28
CA ALA A 86 25.84 -17.57 16.07
C ALA A 86 26.12 -16.84 14.75
N PHE A 87 25.28 -17.02 13.74
CA PHE A 87 25.62 -16.49 12.43
C PHE A 87 24.61 -15.45 11.95
N LEU A 88 23.99 -14.74 12.88
CA LEU A 88 23.01 -13.71 12.54
C LEU A 88 23.63 -12.51 11.86
N SER A 89 24.90 -12.19 12.15
CA SER A 89 25.61 -11.14 11.42
C SER A 89 25.66 -11.43 9.93
N ILE A 90 25.57 -12.69 9.54
CA ILE A 90 25.59 -13.04 8.13
C ILE A 90 24.21 -12.89 7.51
N THR A 91 23.20 -13.46 8.16
CA THR A 91 21.87 -13.31 7.60
C THR A 91 20.85 -13.65 8.67
N PRO A 92 19.74 -12.92 8.74
CA PRO A 92 18.69 -13.27 9.69
C PRO A 92 17.82 -14.42 9.20
N ASN A 93 18.00 -14.89 7.96
CA ASN A 93 17.19 -15.99 7.45
C ASN A 93 17.48 -17.30 8.16
N ILE A 94 18.60 -17.42 8.88
CA ILE A 94 18.91 -18.69 9.54
C ILE A 94 18.06 -18.94 10.77
N LYS A 95 17.24 -17.97 11.18
CA LYS A 95 16.28 -18.24 12.26
C LYS A 95 15.45 -19.49 11.95
N GLU A 96 15.21 -19.79 10.68
CA GLU A 96 14.40 -20.96 10.35
C GLU A 96 15.11 -22.29 10.65
N GLU A 97 16.43 -22.31 10.85
CA GLU A 97 17.06 -23.56 11.21
C GLU A 97 16.69 -24.05 12.61
N GLY A 98 16.29 -23.14 13.52
CA GLY A 98 15.83 -23.55 14.84
C GLY A 98 14.42 -24.16 14.86
N ALA A 99 13.95 -24.65 13.72
CA ALA A 99 12.69 -25.39 13.61
C ALA A 99 12.97 -26.89 13.47
N MET A 100 13.86 -27.42 14.29
CA MET A 100 14.44 -28.73 14.09
C MET A 100 13.74 -29.78 14.94
N LYS A 101 13.76 -31.03 14.47
CA LYS A 101 13.27 -32.18 15.24
C LYS A 101 14.44 -33.07 15.68
N TYR A 111 28.17 -34.98 12.91
CA TYR A 111 28.18 -33.59 13.40
C TYR A 111 29.14 -33.40 14.58
N ASN A 112 30.26 -32.72 14.34
CA ASN A 112 31.20 -32.35 15.40
C ASN A 112 31.74 -30.96 15.09
N GLU A 113 32.72 -30.51 15.87
CA GLU A 113 33.24 -29.17 15.66
C GLU A 113 34.07 -29.08 14.38
N ASN A 114 34.77 -30.16 13.99
CA ASN A 114 35.59 -30.09 12.78
C ASN A 114 34.72 -29.85 11.54
N ILE A 115 33.53 -30.47 11.50
CA ILE A 115 32.69 -30.36 10.30
C ILE A 115 31.91 -29.05 10.27
N LEU A 116 31.47 -28.54 11.44
CA LEU A 116 30.95 -27.18 11.49
C LEU A 116 31.95 -26.19 10.88
N VAL A 117 33.24 -26.35 11.20
CA VAL A 117 34.25 -25.46 10.66
C VAL A 117 34.42 -25.69 9.17
N GLU A 118 34.31 -26.94 8.71
CA GLU A 118 34.44 -27.18 7.27
C GLU A 118 33.29 -26.52 6.51
N GLN A 119 32.07 -26.55 7.06
CA GLN A 119 30.97 -25.81 6.46
C GLN A 119 31.32 -24.32 6.33
N LEU A 120 31.94 -23.75 7.36
CA LEU A 120 32.30 -22.34 7.32
C LEU A 120 33.36 -22.04 6.26
N TYR A 121 34.25 -23.00 5.98
CA TYR A 121 35.24 -22.80 4.93
C TYR A 121 34.57 -22.76 3.56
N MET A 122 33.67 -23.71 3.31
CA MET A 122 32.90 -23.68 2.07
C MET A 122 32.14 -22.38 1.94
N CYS A 123 31.61 -21.88 3.04
CA CYS A 123 30.89 -20.61 2.98
C CYS A 123 31.80 -19.48 2.52
N VAL A 124 33.03 -19.43 3.06
CA VAL A 124 33.95 -18.36 2.70
C VAL A 124 34.38 -18.48 1.23
N GLU A 125 34.63 -19.70 0.77
CA GLU A 125 34.92 -19.90 -0.64
C GLU A 125 33.89 -19.20 -1.52
N PHE A 126 32.60 -19.46 -1.25
CA PHE A 126 31.56 -18.90 -2.11
C PHE A 126 31.27 -17.42 -1.85
N LEU A 127 31.57 -16.90 -0.67
CA LEU A 127 31.49 -15.46 -0.50
C LEU A 127 32.55 -14.77 -1.36
N TRP A 128 33.72 -15.40 -1.46
CA TRP A 128 34.77 -14.90 -2.35
C TRP A 128 34.31 -14.90 -3.79
N LYS A 129 33.84 -16.05 -4.25
CA LYS A 129 33.37 -16.16 -5.64
C LYS A 129 32.16 -15.26 -5.91
N SER A 130 31.31 -15.00 -4.91
CA SER A 130 30.12 -14.19 -5.15
C SER A 130 30.36 -12.69 -5.00
N GLU A 131 31.58 -12.29 -4.57
CA GLU A 131 32.00 -10.90 -4.39
C GLU A 131 31.34 -10.24 -3.18
N ARG A 132 30.71 -11.02 -2.31
CA ARG A 132 30.19 -10.50 -1.04
C ARG A 132 31.31 -10.47 0.01
N TYR A 133 32.42 -9.81 -0.37
CA TYR A 133 33.64 -9.82 0.44
C TYR A 133 33.40 -9.32 1.86
N GLU A 134 32.45 -8.41 2.05
CA GLU A 134 32.20 -7.76 3.35
C GLU A 134 31.79 -8.74 4.45
N LEU A 135 31.33 -9.95 4.12
CA LEU A 135 30.88 -10.95 5.10
C LEU A 135 31.98 -11.91 5.49
N ILE A 136 33.11 -11.92 4.79
CA ILE A 136 34.13 -12.91 5.07
C ILE A 136 34.65 -12.77 6.50
N ALA A 137 34.75 -11.55 7.01
CA ALA A 137 35.27 -11.35 8.37
C ALA A 137 34.41 -12.07 9.39
N ASP A 138 33.08 -11.90 9.33
CA ASP A 138 32.20 -12.49 10.35
C ASP A 138 32.12 -14.01 10.24
N VAL A 139 32.46 -14.59 9.10
CA VAL A 139 32.48 -16.04 9.07
C VAL A 139 33.79 -16.56 9.68
N ASN A 140 34.90 -15.85 9.48
CA ASN A 140 36.17 -16.36 9.95
C ASN A 140 36.38 -16.10 11.44
N LYS A 141 35.75 -15.06 12.00
CA LYS A 141 35.91 -14.78 13.43
C LYS A 141 35.69 -16.00 14.31
N PRO A 142 34.59 -16.76 14.17
CA PRO A 142 34.44 -17.93 15.03
C PRO A 142 35.45 -19.04 14.75
N ILE A 143 35.89 -19.20 13.50
CA ILE A 143 37.00 -20.12 13.22
C ILE A 143 38.25 -19.68 13.97
N ILE A 144 38.52 -18.37 13.98
CA ILE A 144 39.70 -17.86 14.66
C ILE A 144 39.66 -18.24 16.14
N ALA A 145 38.50 -18.07 16.77
CA ALA A 145 38.35 -18.47 18.16
C ALA A 145 38.68 -19.93 18.36
N VAL A 146 38.25 -20.79 17.43
CA VAL A 146 38.65 -22.20 17.50
C VAL A 146 40.17 -22.31 17.53
N PHE A 147 40.85 -21.72 16.56
CA PHE A 147 42.28 -21.96 16.45
C PHE A 147 43.11 -21.16 17.46
N GLU A 148 42.56 -20.11 18.04
CA GLU A 148 43.21 -19.48 19.19
C GLU A 148 43.45 -20.51 20.29
N LYS A 149 42.47 -21.39 20.52
CA LYS A 149 42.58 -22.36 21.60
C LYS A 149 43.66 -23.42 21.32
N GLN A 150 43.94 -23.68 20.05
CA GLN A 150 44.91 -24.70 19.68
C GLN A 150 46.33 -24.14 19.54
N ARG A 151 46.52 -22.83 19.71
CA ARG A 151 47.85 -22.22 19.52
C ARG A 151 48.44 -22.54 18.15
N ASP A 152 47.58 -22.59 17.13
CA ASP A 152 48.03 -22.80 15.75
C ASP A 152 48.30 -21.43 15.14
N PHE A 153 49.55 -20.97 15.26
CA PHE A 153 49.85 -19.60 14.88
C PHE A 153 49.88 -19.42 13.36
N LYS A 154 50.30 -20.46 12.63
CA LYS A 154 50.29 -20.40 11.18
C LYS A 154 48.86 -20.33 10.63
N LYS A 155 47.94 -21.12 11.19
CA LYS A 155 46.53 -21.05 10.79
C LYS A 155 45.94 -19.68 11.10
N LEU A 156 46.16 -19.18 12.34
CA LEU A 156 45.71 -17.84 12.69
C LEU A 156 46.28 -16.81 11.72
N SER A 157 47.55 -16.94 11.36
CA SER A 157 48.13 -16.01 10.39
C SER A 157 47.37 -16.08 9.08
N ASP A 158 46.98 -17.30 8.66
CA ASP A 158 46.22 -17.48 7.44
C ASP A 158 44.84 -16.80 7.52
N LEU A 159 44.08 -17.11 8.59
CA LEU A 159 42.75 -16.53 8.74
C LEU A 159 42.77 -15.00 8.79
N TYR A 160 43.69 -14.42 9.57
CA TYR A 160 43.75 -12.95 9.60
C TYR A 160 44.15 -12.39 8.25
N TYR A 161 45.03 -13.09 7.56
CA TYR A 161 45.43 -12.73 6.20
C TYR A 161 44.24 -12.75 5.25
N ASP A 162 43.37 -13.75 5.37
CA ASP A 162 42.29 -13.84 4.41
C ASP A 162 41.17 -12.85 4.70
N ILE A 163 40.99 -12.49 5.98
CA ILE A 163 40.15 -11.34 6.25
C ILE A 163 40.83 -10.08 5.76
N HIS A 164 42.15 -10.09 5.68
CA HIS A 164 42.81 -8.89 5.21
C HIS A 164 42.53 -8.62 3.71
N ARG A 165 42.67 -9.62 2.80
CA ARG A 165 42.38 -9.24 1.40
C ARG A 165 40.89 -9.14 1.15
N SER A 166 40.07 -9.80 1.96
CA SER A 166 38.65 -9.54 1.84
C SER A 166 38.36 -8.05 2.02
N TYR A 167 39.03 -7.39 2.98
CA TYR A 167 38.80 -5.95 3.12
C TYR A 167 39.60 -5.12 2.11
N LEU A 168 40.77 -5.59 1.70
CA LEU A 168 41.49 -4.94 0.60
C LEU A 168 40.65 -4.94 -0.67
N LYS A 169 40.13 -6.12 -1.06
CA LYS A 169 39.24 -6.20 -2.22
C LYS A 169 38.09 -5.23 -2.11
N VAL A 170 37.45 -5.17 -0.95
CA VAL A 170 36.39 -4.18 -0.77
C VAL A 170 36.93 -2.78 -0.99
N ALA A 171 38.11 -2.48 -0.45
CA ALA A 171 38.64 -1.13 -0.66
C ALA A 171 38.85 -0.85 -2.15
N GLU A 172 39.22 -1.87 -2.94
CA GLU A 172 39.51 -1.67 -4.36
C GLU A 172 38.26 -1.54 -5.21
N VAL A 173 37.17 -2.24 -4.88
CA VAL A 173 36.03 -2.33 -5.80
C VAL A 173 34.78 -1.63 -5.27
N VAL A 174 34.70 -1.29 -3.98
CA VAL A 174 33.45 -0.78 -3.42
C VAL A 174 33.03 0.49 -4.16
N ASN A 175 31.73 0.56 -4.49
CA ASN A 175 31.14 1.75 -5.10
C ASN A 175 31.74 2.10 -6.45
N SER A 176 32.22 1.10 -7.19
CA SER A 176 32.87 1.28 -8.49
C SER A 176 32.06 0.68 -9.64
N GLU A 177 30.82 0.28 -9.36
CA GLU A 177 29.93 -0.32 -10.33
C GLU A 177 30.57 -1.52 -11.03
N LYS A 178 31.53 -2.18 -10.38
CA LYS A 178 32.16 -3.37 -10.91
C LYS A 178 31.47 -4.67 -10.49
N ARG A 179 30.72 -4.67 -9.37
CA ARG A 179 30.11 -5.87 -8.85
C ARG A 179 28.67 -5.98 -9.34
N LEU A 180 28.35 -7.08 -10.00
CA LEU A 180 27.03 -7.34 -10.56
C LEU A 180 26.34 -8.38 -9.65
N PHE A 181 25.71 -7.88 -8.60
CA PHE A 181 25.00 -8.73 -7.65
C PHE A 181 23.66 -9.26 -8.18
N GLY A 182 23.12 -8.70 -9.29
CA GLY A 182 21.88 -9.24 -9.83
C GLY A 182 20.79 -8.25 -10.25
N ARG A 183 19.83 -8.73 -11.04
CA ARG A 183 18.62 -7.98 -11.33
C ARG A 183 17.41 -8.77 -10.83
N TYR A 184 16.34 -8.05 -10.47
CA TYR A 184 15.19 -8.66 -9.79
C TYR A 184 13.93 -8.57 -10.65
N TYR A 185 13.17 -9.67 -10.69
CA TYR A 185 11.92 -9.74 -11.45
C TYR A 185 10.79 -10.33 -10.61
N ARG A 186 9.70 -9.58 -10.46
CA ARG A 186 8.46 -10.21 -10.01
C ARG A 186 8.03 -11.22 -11.06
N VAL A 187 7.71 -12.44 -10.61
CA VAL A 187 7.16 -13.49 -11.46
C VAL A 187 5.94 -14.13 -10.80
N ALA A 188 4.81 -14.13 -11.51
CA ALA A 188 3.55 -14.70 -11.02
C ALA A 188 3.02 -15.72 -12.02
N PHE A 189 2.48 -16.83 -11.50
CA PHE A 189 1.98 -17.93 -12.32
C PHE A 189 0.48 -18.10 -12.13
N TYR A 190 -0.25 -18.16 -13.25
CA TYR A 190 -1.71 -18.26 -13.23
C TYR A 190 -2.16 -19.36 -14.18
N GLY A 191 -2.96 -20.29 -13.67
CA GLY A 191 -3.57 -21.36 -14.46
C GLY A 191 -3.75 -22.66 -13.68
N GLN A 192 -4.86 -22.78 -12.93
CA GLN A 192 -4.99 -23.88 -11.96
C GLN A 192 -5.10 -25.24 -12.64
N GLY A 193 -5.44 -25.27 -13.94
CA GLY A 193 -5.42 -26.53 -14.64
C GLY A 193 -4.03 -27.00 -15.02
N PHE A 194 -3.04 -26.12 -14.90
CA PHE A 194 -1.68 -26.37 -15.38
C PHE A 194 -0.67 -26.39 -14.24
N PHE A 195 -0.51 -25.29 -13.51
CA PHE A 195 0.58 -25.16 -12.55
C PHE A 195 0.34 -26.01 -11.31
N GLU A 196 1.42 -26.59 -10.81
CA GLU A 196 1.37 -27.42 -9.61
C GLU A 196 1.38 -26.54 -8.36
N GLU A 197 2.49 -26.56 -7.61
CA GLU A 197 2.57 -25.70 -6.43
C GLU A 197 2.66 -24.21 -6.79
N GLU A 198 3.17 -23.88 -7.97
CA GLU A 198 3.39 -22.49 -8.35
C GLU A 198 2.11 -21.74 -8.71
N GLU A 199 0.94 -22.36 -8.63
CA GLU A 199 -0.26 -21.70 -9.14
C GLU A 199 -0.70 -20.59 -8.20
N GLY A 200 -0.97 -19.42 -8.78
CA GLY A 200 -1.54 -18.29 -8.07
C GLY A 200 -0.62 -17.57 -7.13
N LYS A 201 0.70 -17.75 -7.25
CA LYS A 201 1.64 -17.20 -6.28
C LYS A 201 2.72 -16.38 -6.97
N GLU A 202 3.24 -15.40 -6.23
CA GLU A 202 4.12 -14.36 -6.76
C GLU A 202 5.54 -14.54 -6.21
N TYR A 203 6.53 -14.51 -7.10
CA TYR A 203 7.92 -14.64 -6.69
C TYR A 203 8.71 -13.42 -7.11
N ILE A 204 9.76 -13.14 -6.34
CA ILE A 204 10.85 -12.30 -6.81
C ILE A 204 11.97 -13.25 -7.23
N TYR A 205 12.32 -13.22 -8.52
CA TYR A 205 13.45 -14.00 -9.04
C TYR A 205 14.69 -13.12 -9.00
N LYS A 206 15.71 -13.55 -8.27
CA LYS A 206 17.03 -12.88 -8.33
C LYS A 206 17.83 -13.48 -9.48
N GLU A 207 18.04 -12.67 -10.56
CA GLU A 207 18.72 -13.16 -11.76
C GLU A 207 20.19 -12.73 -11.77
N PRO A 208 21.06 -13.47 -12.45
CA PRO A 208 22.50 -13.14 -12.38
C PRO A 208 22.84 -11.85 -13.09
N LYS A 209 23.75 -11.09 -12.47
CA LYS A 209 24.43 -9.96 -13.08
C LYS A 209 23.50 -8.95 -13.73
N LEU A 210 23.37 -8.99 -15.05
CA LEU A 210 22.64 -7.93 -15.73
C LEU A 210 21.50 -8.45 -16.60
N THR A 211 21.09 -9.70 -16.41
CA THR A 211 19.96 -10.31 -17.09
C THR A 211 18.84 -9.29 -17.33
N GLY A 212 18.46 -9.12 -18.59
CA GLY A 212 17.45 -8.15 -18.96
C GLY A 212 16.09 -8.82 -19.13
N LEU A 213 15.07 -7.99 -19.34
CA LEU A 213 13.70 -8.53 -19.43
C LEU A 213 13.58 -9.56 -20.56
N SER A 214 14.20 -9.26 -21.72
CA SER A 214 14.21 -10.19 -22.86
C SER A 214 14.59 -11.61 -22.46
N GLU A 215 15.63 -11.77 -21.64
CA GLU A 215 16.20 -13.10 -21.39
C GLU A 215 15.38 -13.91 -20.40
N ILE A 216 14.92 -13.28 -19.31
CA ILE A 216 14.18 -14.08 -18.33
C ILE A 216 12.78 -14.43 -18.86
N SER A 217 12.20 -13.57 -19.71
CA SER A 217 10.91 -13.87 -20.34
C SER A 217 11.02 -15.12 -21.22
N GLN A 218 11.87 -15.07 -22.24
CA GLN A 218 11.97 -16.20 -23.16
C GLN A 218 12.36 -17.47 -22.42
N ARG A 219 13.20 -17.35 -21.39
CA ARG A 219 13.61 -18.53 -20.64
C ARG A 219 12.41 -19.17 -19.95
N LEU A 220 11.63 -18.37 -19.19
CA LEU A 220 10.51 -18.97 -18.47
C LEU A 220 9.44 -19.48 -19.43
N LEU A 221 9.31 -18.83 -20.59
CA LEU A 221 8.33 -19.26 -21.58
C LEU A 221 8.68 -20.64 -22.14
N LYS A 222 9.94 -20.84 -22.53
CA LYS A 222 10.37 -22.18 -22.98
C LYS A 222 10.17 -23.23 -21.90
N LEU A 223 10.52 -22.90 -20.65
CA LEU A 223 10.45 -23.89 -19.57
C LEU A 223 9.05 -24.48 -19.44
N TYR A 224 8.04 -23.61 -19.33
CA TYR A 224 6.66 -24.03 -19.11
C TYR A 224 5.89 -24.26 -20.41
N ALA A 225 6.52 -24.02 -21.56
CA ALA A 225 5.93 -24.42 -22.82
C ALA A 225 6.07 -25.92 -23.06
N ASP A 226 7.00 -26.57 -22.36
CA ASP A 226 7.24 -27.99 -22.58
C ASP A 226 6.42 -28.86 -21.65
N LYS A 227 6.32 -28.50 -20.37
CA LYS A 227 5.55 -29.31 -19.45
C LYS A 227 4.05 -29.10 -19.61
N PHE A 228 3.63 -28.09 -20.36
CA PHE A 228 2.22 -27.79 -20.56
C PHE A 228 1.80 -27.71 -22.02
N GLY A 229 2.72 -27.43 -22.94
CA GLY A 229 2.39 -27.22 -24.34
C GLY A 229 2.62 -25.79 -24.79
N ALA A 230 3.38 -25.61 -25.87
CA ALA A 230 3.73 -24.27 -26.33
C ALA A 230 2.54 -23.48 -26.85
N ASP A 231 1.40 -24.12 -27.07
CA ASP A 231 0.21 -23.44 -27.57
C ASP A 231 -0.68 -22.89 -26.45
N ASN A 232 -0.37 -23.18 -25.19
CA ASN A 232 -1.27 -22.87 -24.10
C ASN A 232 -0.62 -22.04 -23.01
N VAL A 233 0.55 -21.45 -23.29
CA VAL A 233 1.30 -20.65 -22.31
C VAL A 233 1.57 -19.28 -22.91
N LYS A 234 1.21 -18.23 -22.16
CA LYS A 234 1.36 -16.85 -22.60
C LYS A 234 2.03 -16.03 -21.49
N ILE A 235 2.78 -15.01 -21.90
CA ILE A 235 3.41 -14.08 -20.97
C ILE A 235 2.47 -12.88 -20.76
N ILE A 236 2.15 -12.60 -19.50
CA ILE A 236 1.42 -11.38 -19.13
C ILE A 236 2.42 -10.23 -18.99
N GLN A 237 2.28 -9.22 -19.85
CA GLN A 237 3.11 -8.03 -19.79
C GLN A 237 2.59 -6.95 -18.86
N ASP A 238 1.28 -6.90 -18.63
CA ASP A 238 0.66 -5.95 -17.72
C ASP A 238 1.22 -6.11 -16.30
N SER A 239 1.68 -5.01 -15.70
CA SER A 239 2.29 -5.04 -14.37
C SER A 239 1.28 -4.79 -13.26
N ASN A 240 0.01 -4.57 -13.59
CA ASN A 240 -1.04 -4.58 -12.59
C ASN A 240 -1.23 -5.98 -12.00
N LYS A 241 -1.76 -6.03 -10.78
CA LYS A 241 -2.19 -7.29 -10.18
C LYS A 241 -3.18 -7.99 -11.09
N VAL A 242 -2.80 -9.17 -11.59
CA VAL A 242 -3.67 -9.96 -12.46
C VAL A 242 -4.92 -10.37 -11.70
N ASN A 243 -6.09 -10.25 -12.36
CA ASN A 243 -7.29 -10.87 -11.83
C ASN A 243 -7.57 -12.16 -12.59
N PRO A 244 -7.68 -13.29 -11.89
CA PRO A 244 -7.84 -14.57 -12.62
C PRO A 244 -9.11 -14.63 -13.48
N LYS A 245 -10.22 -14.03 -13.04
CA LYS A 245 -11.44 -14.08 -13.84
C LYS A 245 -11.22 -13.50 -15.24
N ASP A 246 -10.27 -12.56 -15.39
CA ASP A 246 -10.00 -12.00 -16.71
C ASP A 246 -9.28 -12.98 -17.63
N LEU A 247 -8.75 -14.08 -17.10
CA LEU A 247 -7.91 -14.99 -17.85
C LEU A 247 -8.70 -16.18 -18.37
N ASP A 248 -8.39 -16.61 -19.58
CA ASP A 248 -9.00 -17.81 -20.12
C ASP A 248 -8.51 -19.03 -19.34
N PRO A 249 -9.38 -19.72 -18.60
CA PRO A 249 -8.92 -20.91 -17.86
C PRO A 249 -8.31 -21.98 -18.74
N LYS A 250 -8.46 -21.89 -20.06
CA LYS A 250 -7.86 -22.81 -21.01
C LYS A 250 -6.43 -22.44 -21.37
N TYR A 251 -5.77 -21.63 -20.54
CA TYR A 251 -4.41 -21.17 -20.79
C TYR A 251 -3.65 -21.06 -19.48
N ALA A 252 -2.32 -21.01 -19.60
CA ALA A 252 -1.42 -20.80 -18.45
C ALA A 252 -0.58 -19.55 -18.68
N TYR A 253 -0.52 -18.70 -17.65
CA TYR A 253 0.05 -17.37 -17.80
C TYR A 253 1.20 -17.16 -16.81
N ILE A 254 2.24 -16.48 -17.30
CA ILE A 254 3.42 -16.08 -16.52
C ILE A 254 3.58 -14.57 -16.65
N GLN A 255 3.38 -13.85 -15.55
CA GLN A 255 3.55 -12.40 -15.50
C GLN A 255 5.00 -12.10 -15.10
N VAL A 256 5.66 -11.24 -15.86
CA VAL A 256 7.07 -10.93 -15.65
C VAL A 256 7.26 -9.41 -15.60
N THR A 257 7.76 -8.90 -14.48
CA THR A 257 7.91 -7.45 -14.33
C THR A 257 9.25 -7.12 -13.69
N TYR A 258 10.00 -6.19 -14.28
CA TYR A 258 11.28 -5.79 -13.68
C TYR A 258 11.06 -4.99 -12.38
N VAL A 259 11.80 -5.34 -11.32
CA VAL A 259 11.72 -4.61 -10.06
C VAL A 259 13.13 -4.29 -9.56
N THR A 260 13.23 -3.30 -8.67
CA THR A 260 14.48 -2.81 -8.09
C THR A 260 14.38 -2.78 -6.57
N PRO A 261 15.48 -3.08 -5.86
CA PRO A 261 15.45 -2.97 -4.41
C PRO A 261 14.96 -1.59 -4.01
N PHE A 262 14.17 -1.54 -2.95
CA PHE A 262 13.53 -0.31 -2.52
C PHE A 262 14.06 0.10 -1.17
N PHE A 263 14.41 1.37 -1.01
CA PHE A 263 14.73 1.94 0.31
C PHE A 263 14.07 3.29 0.45
N GLU A 264 13.61 3.63 1.65
CA GLU A 264 13.16 4.99 1.89
C GLU A 264 14.31 5.80 2.49
N GLU A 265 14.12 7.12 2.57
CA GLU A 265 15.14 8.01 3.09
C GLU A 265 15.56 7.66 4.53
N LYS A 266 14.68 7.00 5.31
CA LYS A 266 15.04 6.56 6.65
C LYS A 266 16.10 5.45 6.65
N GLU A 267 16.17 4.63 5.59
CA GLU A 267 17.13 3.53 5.52
C GLU A 267 18.44 3.91 4.82
N ILE A 268 18.50 5.07 4.16
CA ILE A 268 19.69 5.46 3.42
C ILE A 268 20.82 5.81 4.38
N GLU A 269 20.54 5.74 5.69
CA GLU A 269 21.61 5.81 6.70
C GLU A 269 22.54 4.60 6.58
N ASP A 270 21.96 3.39 6.53
CA ASP A 270 22.65 2.23 5.99
C ASP A 270 22.62 2.32 4.47
N ARG A 271 22.86 1.22 3.76
CA ARG A 271 22.71 1.15 2.29
C ARG A 271 23.52 2.25 1.58
N LYS A 272 24.79 2.42 1.98
CA LYS A 272 25.68 3.38 1.36
C LYS A 272 26.60 2.79 0.30
N THR A 273 26.62 1.45 0.11
CA THR A 273 27.53 0.79 -0.82
C THR A 273 26.76 -0.14 -1.76
N ASP A 274 27.42 -0.50 -2.88
CA ASP A 274 26.80 -1.44 -3.81
C ASP A 274 26.48 -2.76 -3.13
N PHE A 275 27.35 -3.23 -2.24
CA PHE A 275 27.08 -4.45 -1.49
C PHE A 275 25.83 -4.30 -0.63
N GLU A 276 25.79 -3.25 0.21
CA GLU A 276 24.66 -3.06 1.13
C GLU A 276 23.33 -2.91 0.40
N MET A 277 23.36 -2.42 -0.84
CA MET A 277 22.12 -2.35 -1.60
C MET A 277 21.60 -3.71 -2.05
N HIS A 278 22.38 -4.77 -1.88
CA HIS A 278 21.92 -6.12 -2.17
C HIS A 278 22.06 -7.05 -0.97
N HIS A 279 22.23 -6.51 0.23
CA HIS A 279 22.52 -7.34 1.41
C HIS A 279 21.31 -7.33 2.35
N ASN A 280 20.64 -8.48 2.46
CA ASN A 280 19.49 -8.64 3.37
C ASN A 280 18.38 -7.65 3.02
N ILE A 281 17.77 -7.90 1.86
CA ILE A 281 16.72 -7.04 1.33
C ILE A 281 15.48 -7.88 1.04
N ASN A 282 14.29 -7.29 1.32
CA ASN A 282 13.03 -7.95 1.04
C ASN A 282 11.98 -7.00 0.45
N ARG A 283 12.32 -5.76 0.13
CA ARG A 283 11.35 -4.88 -0.50
C ARG A 283 11.83 -4.48 -1.89
N PHE A 284 10.89 -4.41 -2.83
CA PHE A 284 11.15 -4.22 -4.25
C PHE A 284 10.03 -3.39 -4.86
N VAL A 285 10.39 -2.43 -5.70
CA VAL A 285 9.46 -1.43 -6.21
C VAL A 285 9.42 -1.48 -7.73
N PHE A 286 8.26 -1.13 -8.27
CA PHE A 286 8.08 -0.94 -9.69
C PHE A 286 6.94 0.06 -9.86
N GLU A 287 6.90 0.69 -11.02
CA GLU A 287 5.86 1.66 -11.31
C GLU A 287 5.04 1.20 -12.50
N THR A 288 3.79 1.64 -12.53
CA THR A 288 2.83 1.26 -13.55
C THR A 288 2.12 2.53 -14.00
N PRO A 289 1.96 2.75 -15.30
CA PRO A 289 1.25 3.94 -15.75
C PRO A 289 -0.25 3.70 -15.82
N PHE A 290 -1.00 4.72 -15.40
CA PHE A 290 -2.44 4.73 -15.65
C PHE A 290 -2.92 6.16 -15.84
N THR A 291 -3.89 6.34 -16.70
CA THR A 291 -4.53 7.63 -16.89
C THR A 291 -5.74 7.77 -16.00
N LEU A 292 -6.20 9.02 -15.89
CA LEU A 292 -7.45 9.30 -15.19
C LEU A 292 -8.64 8.59 -15.85
N SER A 293 -8.65 8.52 -17.19
CA SER A 293 -9.70 7.84 -17.94
C SER A 293 -9.81 6.36 -17.58
N GLY A 294 -8.73 5.60 -17.82
CA GLY A 294 -8.67 4.17 -17.62
C GLY A 294 -7.68 3.49 -18.55
N LYS A 295 -6.86 4.29 -19.23
CA LYS A 295 -5.85 3.79 -20.15
C LYS A 295 -4.49 3.70 -19.45
N LYS A 296 -3.50 3.13 -20.16
CA LYS A 296 -2.13 3.13 -19.64
C LYS A 296 -1.45 4.46 -19.89
N HIS A 297 -1.57 4.98 -21.11
CA HIS A 297 -0.86 6.16 -21.57
C HIS A 297 -1.84 7.26 -21.94
N GLY A 298 -1.47 8.50 -21.62
CA GLY A 298 -2.20 9.64 -22.13
C GLY A 298 -1.35 10.90 -22.09
N GLY A 299 -2.03 12.02 -22.15
CA GLY A 299 -1.36 13.29 -22.14
C GLY A 299 -0.80 13.65 -20.78
N VAL A 300 0.03 14.68 -20.82
CA VAL A 300 0.72 15.17 -19.62
C VAL A 300 -0.26 15.50 -18.52
N ALA A 301 -1.47 15.96 -18.86
CA ALA A 301 -2.42 16.37 -17.84
C ALA A 301 -3.30 15.22 -17.33
N GLU A 302 -3.16 14.04 -17.88
CA GLU A 302 -3.99 12.91 -17.52
C GLU A 302 -3.17 11.70 -17.10
N GLN A 303 -1.85 11.86 -17.03
CA GLN A 303 -0.92 10.76 -16.84
C GLN A 303 -0.62 10.62 -15.36
N CYS A 304 -1.02 9.51 -14.80
CA CYS A 304 -0.66 9.15 -13.45
C CYS A 304 0.32 7.98 -13.49
N LYS A 305 0.76 7.57 -12.31
CA LYS A 305 1.49 6.33 -12.20
C LYS A 305 1.30 5.78 -10.80
N ARG A 306 1.30 4.45 -10.73
CA ARG A 306 1.18 3.73 -9.46
C ARG A 306 2.56 3.21 -9.06
N ARG A 307 2.84 3.27 -7.76
CA ARG A 307 4.09 2.83 -7.18
C ARG A 307 3.79 1.64 -6.26
N THR A 308 4.25 0.46 -6.62
CA THR A 308 3.98 -0.78 -5.89
C THR A 308 5.25 -1.30 -5.21
N ILE A 309 5.15 -1.73 -3.96
CA ILE A 309 6.30 -2.25 -3.23
C ILE A 309 6.00 -3.67 -2.74
N LEU A 310 6.75 -4.66 -3.27
CA LEU A 310 6.56 -6.07 -2.97
C LEU A 310 7.49 -6.49 -1.83
N THR A 311 6.94 -7.18 -0.83
CA THR A 311 7.71 -7.69 0.30
C THR A 311 7.87 -9.20 0.13
N THR A 312 9.04 -9.74 0.49
CA THR A 312 9.29 -11.17 0.32
C THR A 312 9.32 -11.88 1.66
N SER A 313 8.97 -13.18 1.63
CA SER A 313 8.87 -13.95 2.88
C SER A 313 10.20 -14.03 3.62
N HIS A 314 11.32 -14.17 2.89
CA HIS A 314 12.69 -14.18 3.46
C HIS A 314 13.52 -13.08 2.79
N LEU A 315 14.73 -12.87 3.30
CA LEU A 315 15.64 -11.88 2.75
C LEU A 315 16.59 -12.49 1.71
N PHE A 316 16.87 -11.72 0.69
CA PHE A 316 17.94 -11.95 -0.26
C PHE A 316 19.25 -11.46 0.33
N PRO A 317 20.35 -12.20 0.15
CA PRO A 317 20.43 -13.51 -0.53
C PRO A 317 19.92 -14.63 0.36
N TYR A 318 19.36 -15.66 -0.26
CA TYR A 318 18.73 -16.76 0.44
C TYR A 318 19.27 -18.06 -0.14
N VAL A 319 18.91 -19.18 0.48
CA VAL A 319 19.31 -20.49 -0.03
C VAL A 319 18.61 -20.82 -1.35
N LYS A 320 17.67 -19.98 -1.79
CA LYS A 320 17.03 -20.11 -3.09
C LYS A 320 17.20 -18.81 -3.87
N LYS A 321 17.18 -18.90 -5.20
CA LYS A 321 17.27 -17.70 -6.01
C LYS A 321 15.90 -17.10 -6.33
N ARG A 322 14.81 -17.72 -5.90
CA ARG A 322 13.50 -17.08 -5.95
C ARG A 322 12.86 -17.15 -4.57
N ILE A 323 12.23 -16.05 -4.17
CA ILE A 323 11.54 -15.99 -2.88
C ILE A 323 10.11 -15.55 -3.13
N GLN A 324 9.17 -16.09 -2.36
CA GLN A 324 7.78 -15.76 -2.60
C GLN A 324 7.45 -14.39 -2.03
N VAL A 325 6.58 -13.67 -2.73
CA VAL A 325 6.04 -12.41 -2.23
C VAL A 325 4.93 -12.74 -1.23
N ILE A 326 4.89 -12.00 -0.13
CA ILE A 326 3.85 -12.20 0.87
C ILE A 326 2.91 -11.01 1.02
N SER A 327 3.18 -9.88 0.37
CA SER A 327 2.29 -8.71 0.52
C SER A 327 2.74 -7.61 -0.42
N GLN A 328 1.87 -6.59 -0.54
CA GLN A 328 2.04 -5.46 -1.45
C GLN A 328 1.55 -4.20 -0.79
N SER A 329 2.28 -3.11 -1.00
CA SER A 329 1.80 -1.79 -0.63
C SER A 329 1.95 -0.87 -1.84
N SER A 330 1.00 0.03 -2.01
CA SER A 330 1.04 0.85 -3.21
C SER A 330 0.44 2.21 -2.94
N THR A 331 0.92 3.19 -3.69
CA THR A 331 0.51 4.58 -3.62
C THR A 331 0.37 5.06 -5.05
N GLU A 332 -0.18 6.26 -5.21
CA GLU A 332 -0.46 6.77 -6.54
C GLU A 332 -0.06 8.24 -6.60
N LEU A 333 0.30 8.68 -7.80
CA LEU A 333 0.68 10.06 -8.07
C LEU A 333 -0.21 10.57 -9.19
N ASN A 334 -0.80 11.74 -8.97
CA ASN A 334 -1.64 12.39 -9.97
C ASN A 334 -0.73 13.09 -11.01
N PRO A 335 -1.29 13.64 -12.10
CA PRO A 335 -0.43 14.19 -13.14
C PRO A 335 0.53 15.29 -12.67
N ILE A 336 0.12 16.21 -11.79
CA ILE A 336 1.09 17.21 -11.38
C ILE A 336 2.16 16.59 -10.48
N GLU A 337 1.83 15.48 -9.80
CA GLU A 337 2.84 14.81 -8.99
C GLU A 337 3.86 14.09 -9.88
N VAL A 338 3.38 13.44 -10.95
CA VAL A 338 4.29 12.86 -11.92
C VAL A 338 5.28 13.92 -12.42
N ALA A 339 4.75 15.07 -12.86
CA ALA A 339 5.59 16.13 -13.41
C ALA A 339 6.61 16.61 -12.37
N ILE A 340 6.17 16.87 -11.13
CA ILE A 340 7.08 17.22 -10.05
C ILE A 340 8.16 16.16 -9.89
N ASP A 341 7.79 14.90 -10.05
CA ASP A 341 8.75 13.84 -9.80
C ASP A 341 9.83 13.80 -10.88
N GLU A 342 9.43 13.81 -12.15
CA GLU A 342 10.45 13.66 -13.18
C GLU A 342 11.29 14.93 -13.36
N MET A 343 10.74 16.12 -13.07
CA MET A 343 11.54 17.34 -13.15
C MET A 343 12.62 17.36 -12.06
N SER A 344 12.28 16.95 -10.82
CA SER A 344 13.33 16.84 -9.80
C SER A 344 14.44 15.92 -10.24
N LYS A 345 14.09 14.75 -10.77
CA LYS A 345 15.12 13.79 -11.17
C LYS A 345 16.06 14.41 -12.20
N LYS A 346 15.50 15.09 -13.20
CA LYS A 346 16.31 15.66 -14.27
C LYS A 346 17.26 16.72 -13.76
N VAL A 347 16.81 17.55 -12.80
CA VAL A 347 17.68 18.52 -12.13
C VAL A 347 18.83 17.83 -11.41
N SER A 348 18.55 16.71 -10.73
CA SER A 348 19.61 15.97 -10.07
C SER A 348 20.54 15.30 -11.07
N GLU A 349 20.01 14.82 -12.20
CA GLU A 349 20.89 14.21 -13.19
C GLU A 349 21.85 15.24 -13.75
N LEU A 350 21.33 16.42 -14.10
CA LEU A 350 22.16 17.49 -14.65
C LEU A 350 23.20 17.95 -13.64
N ASN A 351 22.80 18.19 -12.39
CA ASN A 351 23.76 18.68 -11.41
C ASN A 351 24.84 17.63 -11.14
N GLN A 352 24.44 16.36 -11.05
CA GLN A 352 25.42 15.31 -10.79
C GLN A 352 26.52 15.32 -11.86
N LEU A 353 26.13 15.34 -13.14
CA LEU A 353 27.12 15.33 -14.21
C LEU A 353 28.04 16.54 -14.13
N CYS A 354 27.50 17.71 -13.77
CA CYS A 354 28.28 18.93 -13.71
C CYS A 354 29.23 19.01 -12.51
N THR A 355 29.11 18.12 -11.53
CA THR A 355 30.02 18.11 -10.38
C THR A 355 30.90 16.87 -10.34
N MET A 356 30.92 16.08 -11.41
CA MET A 356 31.89 15.01 -11.52
C MET A 356 33.30 15.58 -11.57
N GLU A 357 34.26 14.78 -11.11
CA GLU A 357 35.67 15.16 -11.22
C GLU A 357 36.07 15.27 -12.69
N GLU A 358 35.86 14.20 -13.45
CA GLU A 358 36.05 14.21 -14.90
C GLU A 358 34.66 14.18 -15.56
N VAL A 359 34.14 15.36 -15.92
CA VAL A 359 32.83 15.43 -16.54
C VAL A 359 32.82 14.57 -17.80
N ASP A 360 31.76 13.81 -17.97
CA ASP A 360 31.59 12.95 -19.14
C ASP A 360 30.83 13.71 -20.23
N MET A 361 31.56 14.27 -21.19
CA MET A 361 30.98 15.15 -22.22
C MET A 361 29.79 14.50 -22.91
N ILE A 362 29.93 13.27 -23.41
CA ILE A 362 28.83 12.66 -24.15
C ILE A 362 27.62 12.48 -23.26
N ARG A 363 27.83 12.08 -22.00
CA ARG A 363 26.71 11.89 -21.09
C ARG A 363 26.08 13.22 -20.70
N LEU A 364 26.88 14.28 -20.62
CA LEU A 364 26.34 15.60 -20.37
C LEU A 364 25.48 16.08 -21.53
N GLN A 365 25.92 15.84 -22.77
CA GLN A 365 25.17 16.31 -23.93
C GLN A 365 23.86 15.54 -24.07
N LEU A 366 23.93 14.23 -23.85
CA LEU A 366 22.74 13.40 -23.91
C LEU A 366 21.62 14.01 -23.08
N LYS A 367 21.90 14.30 -21.80
CA LYS A 367 20.86 14.84 -20.94
C LYS A 367 20.56 16.29 -21.28
N LEU A 368 21.60 17.07 -21.58
CA LEU A 368 21.37 18.49 -21.88
C LEU A 368 20.48 18.65 -23.10
N GLN A 369 20.85 18.03 -24.22
CA GLN A 369 20.04 18.12 -25.43
C GLN A 369 18.64 17.56 -25.20
N GLY A 370 18.54 16.48 -24.41
CA GLY A 370 17.23 15.89 -24.15
C GLY A 370 16.40 16.67 -23.15
N SER A 371 16.95 17.74 -22.56
CA SER A 371 16.21 18.71 -21.77
C SER A 371 15.84 19.96 -22.57
N VAL A 372 16.82 20.61 -23.20
CA VAL A 372 16.57 21.94 -23.77
C VAL A 372 16.13 21.91 -25.23
N SER A 373 16.20 20.78 -25.92
CA SER A 373 15.82 20.72 -27.33
C SER A 373 15.17 19.37 -27.62
N VAL A 374 14.11 19.10 -26.86
CA VAL A 374 13.30 17.92 -27.11
C VAL A 374 12.64 18.05 -28.47
N LYS A 375 12.70 16.98 -29.24
CA LYS A 375 12.06 17.00 -30.55
C LYS A 375 11.16 15.81 -30.80
N VAL A 376 11.28 14.73 -30.04
CA VAL A 376 10.43 13.56 -30.23
C VAL A 376 9.32 13.51 -29.19
N ASN A 377 9.68 13.71 -27.93
CA ASN A 377 8.69 13.70 -26.88
C ASN A 377 8.12 15.10 -26.74
N ALA A 378 7.34 15.33 -25.69
CA ALA A 378 6.61 16.57 -25.47
C ALA A 378 7.48 17.71 -24.95
N GLY A 379 8.65 17.40 -24.41
CA GLY A 379 9.49 18.42 -23.83
C GLY A 379 8.98 18.85 -22.47
N PRO A 380 9.90 19.29 -21.62
CA PRO A 380 9.51 19.71 -20.27
C PRO A 380 8.57 20.91 -20.25
N MET A 381 8.48 21.66 -21.35
CA MET A 381 7.60 22.83 -21.38
C MET A 381 6.13 22.42 -21.39
N ALA A 382 5.82 21.20 -21.85
CA ALA A 382 4.45 20.70 -21.74
C ALA A 382 4.00 20.63 -20.27
N TYR A 383 4.93 20.38 -19.34
CA TYR A 383 4.63 20.48 -17.91
C TYR A 383 4.30 21.92 -17.53
N ALA A 384 5.15 22.87 -17.95
CA ALA A 384 4.90 24.27 -17.63
C ALA A 384 3.55 24.73 -18.18
N ARG A 385 3.23 24.35 -19.42
CA ARG A 385 1.95 24.76 -20.02
C ARG A 385 0.77 24.15 -19.28
N ALA A 386 0.87 22.88 -18.86
CA ALA A 386 -0.28 22.19 -18.30
C ALA A 386 -0.54 22.56 -16.85
N PHE A 387 0.49 22.98 -16.09
CA PHE A 387 0.36 23.13 -14.64
C PHE A 387 0.73 24.50 -14.12
N LEU A 388 1.48 25.31 -14.88
CA LEU A 388 2.00 26.58 -14.36
C LEU A 388 1.34 27.80 -14.97
N GLU A 389 0.72 27.67 -16.15
CA GLU A 389 0.01 28.79 -16.74
C GLU A 389 -1.16 29.21 -15.83
N GLU A 390 -1.45 30.53 -15.82
CA GLU A 390 -2.37 31.09 -14.83
C GLU A 390 -3.73 30.40 -14.86
N THR A 391 -4.27 30.20 -16.05
CA THR A 391 -5.59 29.56 -16.16
C THR A 391 -5.54 28.12 -15.69
N ASN A 392 -4.53 27.36 -16.13
CA ASN A 392 -4.44 25.95 -15.73
C ASN A 392 -4.07 25.79 -14.27
N ALA A 393 -3.26 26.70 -13.72
CA ALA A 393 -2.77 26.49 -12.36
C ALA A 393 -3.87 26.61 -11.32
N LYS A 394 -5.02 27.19 -11.69
CA LYS A 394 -6.14 27.31 -10.76
C LYS A 394 -6.82 25.98 -10.49
N LYS A 395 -6.46 24.93 -11.22
CA LYS A 395 -7.08 23.62 -11.09
C LYS A 395 -6.30 22.68 -10.19
N TYR A 396 -5.24 23.14 -9.53
CA TYR A 396 -4.34 22.30 -8.74
C TYR A 396 -3.98 22.97 -7.43
N PRO A 397 -3.56 22.20 -6.42
CA PRO A 397 -3.22 22.79 -5.11
C PRO A 397 -2.07 23.76 -5.20
N ASP A 398 -2.24 24.88 -4.52
CA ASP A 398 -1.24 25.94 -4.57
C ASP A 398 0.15 25.43 -4.17
N ASN A 399 0.24 24.63 -3.11
CA ASN A 399 1.55 24.14 -2.69
C ASN A 399 2.19 23.34 -3.81
N GLN A 400 1.40 22.53 -4.53
CA GLN A 400 1.99 21.71 -5.58
C GLN A 400 2.39 22.55 -6.79
N VAL A 401 1.58 23.55 -7.14
CA VAL A 401 2.00 24.51 -8.16
C VAL A 401 3.27 25.26 -7.70
N LYS A 402 3.38 25.58 -6.42
CA LYS A 402 4.55 26.34 -5.99
C LYS A 402 5.79 25.47 -5.97
N LEU A 403 5.63 24.17 -5.69
CA LEU A 403 6.78 23.27 -5.72
C LEU A 403 7.28 23.04 -7.14
N LEU A 404 6.36 22.86 -8.09
CA LEU A 404 6.79 22.67 -9.46
C LEU A 404 7.43 23.95 -10.02
N LYS A 405 7.00 25.13 -9.56
CA LYS A 405 7.64 26.34 -10.03
C LYS A 405 9.08 26.40 -9.54
N GLU A 406 9.30 26.04 -8.28
CA GLU A 406 10.64 26.11 -7.73
C GLU A 406 11.57 25.13 -8.44
N ILE A 407 11.08 23.93 -8.73
CA ILE A 407 11.86 22.94 -9.46
C ILE A 407 12.26 23.46 -10.83
N PHE A 408 11.35 24.16 -11.53
CA PHE A 408 11.68 24.66 -12.88
C PHE A 408 12.79 25.71 -12.81
N ARG A 409 12.82 26.51 -11.75
CA ARG A 409 13.93 27.44 -11.55
C ARG A 409 15.23 26.68 -11.43
N GLN A 410 15.25 25.65 -10.58
CA GLN A 410 16.44 24.82 -10.48
C GLN A 410 16.76 24.16 -11.81
N PHE A 411 15.74 23.86 -12.61
CA PHE A 411 15.94 23.25 -13.92
C PHE A 411 16.66 24.23 -14.86
N ALA A 412 16.21 25.49 -14.85
CA ALA A 412 16.86 26.57 -15.58
C ALA A 412 18.32 26.72 -15.21
N ASP A 413 18.62 26.76 -13.91
CA ASP A 413 20.01 26.90 -13.49
C ASP A 413 20.82 25.70 -13.93
N ALA A 414 20.26 24.49 -13.79
CA ALA A 414 21.01 23.26 -14.04
C ALA A 414 21.27 23.05 -15.53
N CYS A 415 20.31 23.46 -16.40
CA CYS A 415 20.58 23.52 -17.83
C CYS A 415 21.62 24.58 -18.15
N GLY A 416 21.55 25.72 -17.47
CA GLY A 416 22.57 26.74 -17.68
C GLY A 416 23.95 26.27 -17.27
N GLN A 417 24.07 25.73 -16.06
CA GLN A 417 25.37 25.21 -15.60
C GLN A 417 25.88 24.12 -16.53
N ALA A 418 24.97 23.34 -17.12
CA ALA A 418 25.39 22.29 -18.01
C ALA A 418 25.84 22.86 -19.36
N LEU A 419 25.25 23.98 -19.77
CA LEU A 419 25.70 24.62 -21.01
C LEU A 419 27.10 25.21 -20.84
N ASP A 420 27.38 25.78 -19.66
CA ASP A 420 28.70 26.32 -19.40
C ASP A 420 29.75 25.20 -19.34
N VAL A 421 29.44 24.10 -18.66
CA VAL A 421 30.39 22.99 -18.61
C VAL A 421 30.65 22.43 -20.00
N ASN A 422 29.63 22.39 -20.86
CA ASN A 422 29.84 21.85 -22.19
C ASN A 422 30.75 22.78 -23.01
N GLU A 423 30.59 24.09 -22.86
CA GLU A 423 31.40 25.02 -23.62
C GLU A 423 32.88 24.86 -23.33
N ARG A 424 33.23 24.58 -22.09
CA ARG A 424 34.62 24.34 -21.75
C ARG A 424 35.13 22.99 -22.22
N LEU A 425 34.30 22.18 -22.89
CA LEU A 425 34.71 20.84 -23.30
C LEU A 425 34.58 20.57 -24.78
N ILE A 426 33.74 21.29 -25.49
CA ILE A 426 33.56 20.99 -26.91
C ILE A 426 34.78 21.46 -27.70
N LYS A 427 35.00 20.79 -28.82
CA LYS A 427 35.98 21.19 -29.82
C LYS A 427 35.26 21.83 -31.01
N GLU A 428 36.01 22.05 -32.09
CA GLU A 428 35.50 22.84 -33.22
C GLU A 428 34.29 22.19 -33.87
N ASP A 429 34.17 20.85 -33.78
CA ASP A 429 33.13 20.14 -34.53
C ASP A 429 31.77 20.19 -33.83
N GLN A 430 31.72 20.73 -32.61
CA GLN A 430 30.45 20.89 -31.91
C GLN A 430 30.16 22.35 -31.56
N LEU A 431 30.72 23.31 -32.31
CA LEU A 431 30.43 24.71 -32.02
C LEU A 431 29.00 25.06 -32.44
N GLU A 432 28.61 24.64 -33.64
CA GLU A 432 27.24 24.85 -34.09
C GLU A 432 26.26 24.10 -33.21
N TYR A 433 26.64 22.89 -32.78
CA TYR A 433 25.83 22.10 -31.86
C TYR A 433 25.61 22.86 -30.55
N GLN A 434 26.66 23.45 -30.00
CA GLN A 434 26.52 24.22 -28.77
C GLN A 434 25.69 25.47 -28.98
N GLU A 435 25.89 26.17 -30.10
CA GLU A 435 25.14 27.39 -30.32
C GLU A 435 23.65 27.12 -30.40
N GLU A 436 23.25 26.01 -31.02
CA GLU A 436 21.82 25.71 -31.07
C GLU A 436 21.29 25.32 -29.70
N LEU A 437 22.08 24.60 -28.89
CA LEU A 437 21.64 24.28 -27.53
C LEU A 437 21.35 25.56 -26.75
N ARG A 438 22.27 26.53 -26.83
CA ARG A 438 22.04 27.83 -26.17
C ARG A 438 20.81 28.52 -26.74
N SER A 439 20.67 28.49 -28.07
CA SER A 439 19.51 29.12 -28.69
C SER A 439 18.21 28.44 -28.23
N HIS A 440 18.22 27.10 -28.15
CA HIS A 440 17.08 26.38 -27.61
C HIS A 440 16.88 26.68 -26.13
N TYR A 441 17.96 26.79 -25.36
CA TYR A 441 17.80 27.16 -23.96
C TYR A 441 17.18 28.55 -23.82
N LYS A 442 17.67 29.54 -24.58
CA LYS A 442 17.14 30.89 -24.41
C LYS A 442 15.67 30.95 -24.82
N ASP A 443 15.31 30.32 -25.94
CA ASP A 443 13.90 30.25 -26.30
C ASP A 443 13.06 29.59 -25.21
N MET A 444 13.65 28.65 -24.46
CA MET A 444 12.91 27.98 -23.40
C MET A 444 12.71 28.89 -22.20
N LEU A 445 13.76 29.61 -21.77
CA LEU A 445 13.62 30.58 -20.68
C LEU A 445 12.63 31.68 -21.01
N SER A 446 12.54 32.09 -22.28
CA SER A 446 11.59 33.13 -22.66
C SER A 446 10.15 32.65 -22.50
N GLU A 447 9.85 31.45 -23.03
CA GLU A 447 8.52 30.89 -22.87
C GLU A 447 8.24 30.60 -21.40
N LEU A 448 9.22 30.06 -20.69
CA LEU A 448 9.03 29.78 -19.27
C LEU A 448 8.74 31.07 -18.52
N SER A 449 9.39 32.16 -18.93
CA SER A 449 9.19 33.46 -18.29
C SER A 449 7.78 34.00 -18.58
N THR A 450 7.30 33.86 -19.81
CA THR A 450 5.92 34.21 -20.11
C THR A 450 4.96 33.41 -19.24
N VAL A 451 5.10 32.08 -19.24
CA VAL A 451 4.18 31.21 -18.52
C VAL A 451 4.20 31.51 -17.02
N MET A 452 5.38 31.59 -16.43
CA MET A 452 5.40 31.86 -14.98
C MET A 452 5.22 33.34 -14.64
N ASN A 453 5.24 34.24 -15.62
CA ASN A 453 5.30 35.68 -15.38
C ASN A 453 6.36 35.98 -14.31
N GLU A 454 7.60 35.74 -14.70
CA GLU A 454 8.74 35.91 -13.81
C GLU A 454 10.00 35.85 -14.64
N GLN A 455 11.00 36.63 -14.26
CA GLN A 455 12.24 36.66 -15.02
C GLN A 455 13.10 35.49 -14.59
N ILE A 456 13.26 34.52 -15.47
CA ILE A 456 14.10 33.36 -15.21
C ILE A 456 15.42 33.56 -15.96
N THR A 457 16.50 33.76 -15.21
CA THR A 457 17.83 34.05 -15.75
C THR A 457 18.50 32.81 -16.35
N GLN B 2 -35.28 5.39 20.77
CA GLN B 2 -34.70 4.57 21.84
C GLN B 2 -33.18 4.82 21.97
N THR B 3 -32.78 6.09 21.94
CA THR B 3 -31.41 6.52 22.21
C THR B 3 -31.36 7.17 23.60
N ILE B 4 -30.44 6.71 24.44
CA ILE B 4 -30.25 7.25 25.80
C ILE B 4 -29.51 8.58 25.73
N LYS B 5 -30.08 9.61 26.35
CA LYS B 5 -29.47 10.95 26.38
C LYS B 5 -28.61 11.12 27.64
N CYS B 6 -27.33 11.45 27.43
CA CYS B 6 -26.40 11.62 28.55
C CYS B 6 -25.60 12.91 28.38
N VAL B 7 -25.84 13.89 29.27
CA VAL B 7 -25.16 15.18 29.24
C VAL B 7 -23.94 15.14 30.16
N VAL B 8 -22.82 15.65 29.68
CA VAL B 8 -21.54 15.63 30.38
C VAL B 8 -21.13 17.06 30.73
N VAL B 9 -20.79 17.29 32.00
CA VAL B 9 -20.42 18.60 32.52
C VAL B 9 -19.12 18.52 33.31
N GLY B 10 -18.49 19.67 33.47
CA GLY B 10 -17.18 19.82 34.08
C GLY B 10 -16.42 21.01 33.50
N ASP B 11 -15.55 21.61 34.32
CA ASP B 11 -14.72 22.70 33.85
C ASP B 11 -13.60 22.14 32.98
N GLY B 12 -13.14 22.95 32.04
CA GLY B 12 -12.30 22.47 30.97
C GLY B 12 -10.96 21.92 31.45
N ALA B 13 -10.22 21.40 30.48
CA ALA B 13 -8.89 20.83 30.62
C ALA B 13 -8.88 19.54 31.45
N VAL B 14 -10.04 19.11 31.96
CA VAL B 14 -10.12 17.84 32.69
C VAL B 14 -9.99 16.66 31.73
N GLY B 15 -10.41 16.83 30.49
CA GLY B 15 -10.37 15.75 29.52
C GLY B 15 -11.73 15.28 29.02
N LYS B 16 -12.81 15.99 29.33
CA LYS B 16 -14.14 15.60 28.88
C LYS B 16 -14.14 15.21 27.42
N THR B 17 -13.71 16.11 26.55
CA THR B 17 -13.86 15.89 25.12
C THR B 17 -12.91 14.80 24.61
N CYS B 18 -11.66 14.79 25.08
CA CYS B 18 -10.74 13.73 24.64
C CYS B 18 -11.22 12.38 25.12
N LEU B 19 -11.80 12.34 26.32
CA LEU B 19 -12.40 11.13 26.83
C LEU B 19 -13.51 10.62 25.90
N LEU B 20 -14.38 11.53 25.45
CA LEU B 20 -15.56 11.14 24.69
C LEU B 20 -15.20 10.71 23.27
N ILE B 21 -14.27 11.42 22.62
CA ILE B 21 -13.92 11.06 21.25
C ILE B 21 -13.06 9.81 21.24
N SER B 22 -12.32 9.58 22.33
CA SER B 22 -11.53 8.36 22.49
C SER B 22 -12.39 7.13 22.29
N TYR B 23 -13.44 7.03 23.12
CA TYR B 23 -14.24 5.83 23.25
C TYR B 23 -15.29 5.71 22.16
N THR B 24 -15.67 6.83 21.56
CA THR B 24 -16.67 6.81 20.52
C THR B 24 -16.07 6.30 19.21
N THR B 25 -14.94 6.88 18.81
CA THR B 25 -14.32 6.53 17.53
C THR B 25 -13.44 5.30 17.62
N ASN B 26 -13.24 4.78 18.84
CA ASN B 26 -12.50 3.54 19.07
C ASN B 26 -11.06 3.68 18.54
N LYS B 27 -10.43 4.78 18.92
CA LYS B 27 -9.07 5.06 18.49
C LYS B 27 -8.19 5.36 19.70
N PHE B 28 -6.89 5.18 19.51
CA PHE B 28 -5.92 5.73 20.44
C PHE B 28 -5.89 7.25 20.26
N PRO B 29 -5.69 8.01 21.34
CA PRO B 29 -5.71 9.49 21.21
C PRO B 29 -4.66 10.03 20.24
N SER B 30 -3.55 9.33 20.06
CA SER B 30 -2.59 9.71 19.03
C SER B 30 -3.21 9.75 17.64
N GLU B 31 -4.30 9.02 17.41
CA GLU B 31 -4.69 8.71 16.05
C GLU B 31 -6.06 9.24 15.65
N TYR B 32 -6.75 9.98 16.50
CA TYR B 32 -8.09 10.33 16.09
C TYR B 32 -8.03 11.49 15.12
N VAL B 33 -8.91 11.44 14.13
CA VAL B 33 -9.05 12.54 13.18
C VAL B 33 -9.88 13.64 13.84
N PRO B 34 -9.42 14.88 13.80
CA PRO B 34 -10.17 15.95 14.46
C PRO B 34 -11.51 16.14 13.79
N THR B 35 -12.47 16.63 14.54
CA THR B 35 -13.80 16.84 14.02
C THR B 35 -14.21 18.28 14.30
N VAL B 36 -15.04 18.86 13.43
CA VAL B 36 -15.48 20.23 13.69
C VAL B 36 -16.78 20.24 14.47
N PHE B 37 -17.47 19.10 14.54
CA PHE B 37 -18.78 18.96 15.14
C PHE B 37 -18.67 18.59 16.62
N ASP B 38 -19.71 18.95 17.37
CA ASP B 38 -19.83 18.66 18.80
C ASP B 38 -20.77 17.48 19.00
N ASN B 39 -20.62 16.83 20.15
CA ASN B 39 -21.43 15.69 20.60
C ASN B 39 -21.01 14.39 19.91
N TYR B 40 -21.34 13.26 20.54
CA TYR B 40 -20.88 11.95 20.11
C TYR B 40 -22.00 10.94 20.34
N ALA B 41 -22.03 9.91 19.50
CA ALA B 41 -22.99 8.82 19.60
C ALA B 41 -22.24 7.51 19.53
N VAL B 42 -22.42 6.64 20.53
CA VAL B 42 -21.72 5.37 20.61
C VAL B 42 -22.71 4.25 20.87
N THR B 43 -22.47 3.09 20.26
CA THR B 43 -23.31 1.92 20.45
C THR B 43 -22.67 1.00 21.46
N VAL B 44 -23.47 0.51 22.39
CA VAL B 44 -23.00 -0.13 23.60
C VAL B 44 -23.78 -1.41 23.83
N MET B 45 -23.15 -2.35 24.52
CA MET B 45 -23.74 -3.65 24.82
C MET B 45 -23.95 -3.77 26.33
N ILE B 46 -25.21 -3.93 26.75
CA ILE B 46 -25.52 -4.17 28.16
C ILE B 46 -26.16 -5.56 28.23
N GLY B 47 -25.33 -6.59 28.45
CA GLY B 47 -25.77 -7.98 28.49
C GLY B 47 -26.62 -8.43 27.33
N GLY B 48 -26.06 -8.53 26.13
CA GLY B 48 -26.83 -8.99 25.00
C GLY B 48 -27.65 -7.92 24.29
N GLU B 49 -28.29 -6.99 25.03
CA GLU B 49 -29.06 -5.92 24.39
C GLU B 49 -28.15 -4.77 23.99
N PRO B 50 -28.04 -4.41 22.71
CA PRO B 50 -27.31 -3.21 22.31
C PRO B 50 -28.13 -1.94 22.44
N TYR B 51 -27.46 -0.87 22.90
CA TYR B 51 -28.07 0.43 23.16
C TYR B 51 -27.30 1.53 22.44
N THR B 52 -27.96 2.67 22.23
CA THR B 52 -27.36 3.86 21.62
C THR B 52 -27.27 4.97 22.65
N LEU B 53 -26.06 5.38 22.96
CA LEU B 53 -25.79 6.43 23.93
C LEU B 53 -25.48 7.72 23.17
N GLY B 54 -26.42 8.67 23.19
CA GLY B 54 -26.12 10.01 22.71
C GLY B 54 -25.43 10.82 23.79
N LEU B 55 -24.26 11.37 23.49
CA LEU B 55 -23.44 12.08 24.49
C LEU B 55 -23.40 13.57 24.13
N PHE B 56 -24.05 14.39 24.96
CA PHE B 56 -24.18 15.83 24.70
C PHE B 56 -23.05 16.54 25.43
N ASP B 57 -22.10 17.08 24.66
CA ASP B 57 -20.99 17.77 25.28
C ASP B 57 -21.42 19.16 25.70
N THR B 58 -20.77 19.68 26.75
CA THR B 58 -21.03 21.03 27.24
C THR B 58 -19.72 21.75 27.41
N ALA B 59 -19.71 23.02 27.02
CA ALA B 59 -18.59 23.88 27.33
C ALA B 59 -18.68 24.32 28.78
N GLY B 60 -17.62 24.08 29.54
CA GLY B 60 -17.66 24.37 30.96
C GLY B 60 -17.43 25.80 31.37
N GLN B 61 -17.08 26.69 30.45
CA GLN B 61 -16.66 28.02 30.84
C GLN B 61 -17.85 28.86 31.31
N GLU B 62 -17.53 29.94 32.04
CA GLU B 62 -18.56 30.74 32.69
C GLU B 62 -19.45 31.49 31.70
N ASP B 63 -18.96 31.74 30.48
CA ASP B 63 -19.76 32.46 29.50
C ASP B 63 -21.02 31.70 29.12
N TYR B 64 -21.00 30.38 29.22
CA TYR B 64 -22.11 29.56 28.79
C TYR B 64 -23.04 29.19 29.92
N ASP B 65 -22.82 29.70 31.13
CA ASP B 65 -23.73 29.40 32.23
C ASP B 65 -25.15 29.87 31.93
N ARG B 66 -25.34 30.76 30.96
CA ARG B 66 -26.67 31.22 30.59
C ARG B 66 -27.43 30.14 29.85
N LEU B 67 -26.83 29.60 28.79
CA LEU B 67 -27.56 28.76 27.86
C LEU B 67 -27.28 27.27 28.02
N ARG B 68 -26.16 26.89 28.66
CA ARG B 68 -25.85 25.47 28.87
C ARG B 68 -26.98 24.67 29.50
N PRO B 69 -27.72 25.18 30.49
CA PRO B 69 -28.87 24.41 30.99
C PRO B 69 -29.99 24.19 29.98
N LEU B 70 -29.94 24.76 28.78
CA LEU B 70 -30.99 24.48 27.81
C LEU B 70 -30.86 23.07 27.22
N SER B 71 -29.70 22.44 27.38
CA SER B 71 -29.46 21.06 26.97
C SER B 71 -30.00 20.04 27.97
N TYR B 72 -30.44 20.49 29.14
CA TYR B 72 -30.81 19.63 30.26
C TYR B 72 -32.13 18.88 30.08
N PRO B 73 -33.19 19.50 29.54
CA PRO B 73 -34.44 18.74 29.29
C PRO B 73 -34.17 17.45 28.54
N GLN B 74 -34.92 16.40 28.89
CA GLN B 74 -34.90 15.07 28.26
C GLN B 74 -33.66 14.25 28.58
N THR B 75 -32.78 14.75 29.46
CA THR B 75 -31.61 14.00 29.88
C THR B 75 -32.02 12.72 30.63
N ASP B 76 -31.28 11.64 30.37
CA ASP B 76 -31.49 10.40 31.10
C ASP B 76 -30.42 10.14 32.16
N VAL B 77 -29.26 10.77 32.04
CA VAL B 77 -28.20 10.62 33.04
C VAL B 77 -27.19 11.75 32.83
N PHE B 78 -26.59 12.25 33.90
CA PHE B 78 -25.54 13.25 33.83
C PHE B 78 -24.19 12.62 34.17
N LEU B 79 -23.13 13.24 33.66
CA LEU B 79 -21.76 12.89 34.03
C LEU B 79 -21.04 14.16 34.47
N VAL B 80 -20.62 14.23 35.72
CA VAL B 80 -19.82 15.35 36.20
C VAL B 80 -18.37 14.88 36.29
N CYS B 81 -17.47 15.58 35.61
CA CYS B 81 -16.10 15.14 35.46
C CYS B 81 -15.13 16.02 36.26
N PHE B 82 -13.89 15.53 36.36
CA PHE B 82 -12.78 16.19 37.03
C PHE B 82 -11.51 15.37 36.77
N SER B 83 -10.37 16.04 36.82
CA SER B 83 -9.06 15.41 36.62
C SER B 83 -8.44 15.03 37.96
N VAL B 84 -7.97 13.78 38.06
CA VAL B 84 -7.44 13.29 39.34
C VAL B 84 -6.14 13.99 39.75
N VAL B 85 -5.50 14.72 38.85
CA VAL B 85 -4.31 15.50 39.16
C VAL B 85 -4.60 17.00 39.25
N SER B 86 -5.83 17.43 38.98
CA SER B 86 -6.25 18.81 39.15
C SER B 86 -7.23 18.91 40.31
N PRO B 87 -6.83 19.42 41.48
CA PRO B 87 -7.75 19.45 42.62
C PRO B 87 -8.95 20.34 42.40
N SER B 88 -8.75 21.56 41.88
CA SER B 88 -9.90 22.45 41.69
C SER B 88 -10.85 21.96 40.62
N SER B 89 -10.38 21.08 39.71
CA SER B 89 -11.30 20.37 38.83
C SER B 89 -12.34 19.63 39.66
N PHE B 90 -11.92 19.08 40.79
CA PHE B 90 -12.77 18.41 41.74
C PHE B 90 -13.38 19.39 42.73
N GLU B 91 -12.60 20.36 43.20
CA GLU B 91 -13.11 21.28 44.22
C GLU B 91 -14.32 22.06 43.72
N ASN B 92 -14.43 22.24 42.41
CA ASN B 92 -15.55 22.97 41.84
C ASN B 92 -16.58 22.07 41.17
N VAL B 93 -16.35 20.76 41.14
CA VAL B 93 -17.48 19.84 40.99
C VAL B 93 -18.49 20.10 42.12
N LYS B 94 -17.98 20.28 43.34
CA LYS B 94 -18.83 20.50 44.51
C LYS B 94 -19.40 21.91 44.51
N GLU B 95 -18.57 22.91 44.20
CA GLU B 95 -18.99 24.30 44.34
C GLU B 95 -20.00 24.73 43.28
N LYS B 96 -19.82 24.32 42.03
CA LYS B 96 -20.66 24.86 40.96
C LYS B 96 -21.45 23.80 40.19
N TRP B 97 -20.83 22.68 39.84
CA TRP B 97 -21.43 21.77 38.85
C TRP B 97 -22.60 20.99 39.46
N VAL B 98 -22.39 20.41 40.65
CA VAL B 98 -23.44 19.60 41.28
C VAL B 98 -24.61 20.48 41.76
N PRO B 99 -24.41 21.73 42.22
CA PRO B 99 -25.59 22.58 42.41
C PRO B 99 -26.34 22.87 41.11
N GLU B 100 -25.65 23.10 40.00
CA GLU B 100 -26.36 23.52 38.79
C GLU B 100 -27.21 22.39 38.24
N ILE B 101 -26.63 21.20 38.06
CA ILE B 101 -27.38 20.14 37.38
C ILE B 101 -28.49 19.60 38.27
N THR B 102 -28.30 19.63 39.59
CA THR B 102 -29.36 19.23 40.53
C THR B 102 -30.49 20.24 40.58
N HIS B 103 -30.18 21.52 40.36
CA HIS B 103 -31.22 22.55 40.34
C HIS B 103 -32.16 22.37 39.16
N HIS B 104 -31.61 22.08 37.97
CA HIS B 104 -32.45 22.12 36.77
C HIS B 104 -33.21 20.81 36.57
N CYS B 105 -32.59 19.67 36.90
CA CYS B 105 -33.21 18.34 36.81
C CYS B 105 -33.03 17.60 38.13
N PRO B 106 -33.92 17.81 39.09
CA PRO B 106 -33.67 17.29 40.45
C PRO B 106 -33.73 15.78 40.57
N LYS B 107 -34.41 15.08 39.67
CA LYS B 107 -34.60 13.64 39.78
C LYS B 107 -33.77 12.80 38.80
N THR B 108 -32.95 13.42 37.96
CA THR B 108 -32.12 12.66 37.03
C THR B 108 -30.83 12.22 37.73
N PRO B 109 -30.44 10.96 37.59
CA PRO B 109 -29.23 10.48 38.28
C PRO B 109 -27.97 11.06 37.67
N PHE B 110 -26.87 10.99 38.44
CA PHE B 110 -25.58 11.47 37.96
C PHE B 110 -24.45 10.68 38.61
N LEU B 111 -23.28 10.75 37.98
CA LEU B 111 -22.10 10.01 38.40
C LEU B 111 -20.91 10.96 38.51
N LEU B 112 -20.05 10.71 39.48
CA LEU B 112 -18.80 11.47 39.60
C LEU B 112 -17.70 10.70 38.88
N VAL B 113 -17.01 11.38 37.98
CA VAL B 113 -16.04 10.76 37.09
C VAL B 113 -14.68 11.39 37.33
N GLY B 114 -13.69 10.57 37.65
CA GLY B 114 -12.32 11.00 37.76
C GLY B 114 -11.56 10.68 36.49
N THR B 115 -10.95 11.70 35.90
CA THR B 115 -10.27 11.55 34.63
C THR B 115 -8.77 11.78 34.78
N GLN B 116 -8.03 11.35 33.76
CA GLN B 116 -6.58 11.49 33.72
C GLN B 116 -5.91 10.77 34.88
N ILE B 117 -6.34 9.54 35.14
CA ILE B 117 -5.72 8.74 36.20
C ILE B 117 -4.33 8.25 35.82
N ASP B 118 -3.96 8.34 34.55
CA ASP B 118 -2.61 7.93 34.15
C ASP B 118 -1.54 8.85 34.70
N LEU B 119 -1.90 10.10 35.03
CA LEU B 119 -0.94 11.10 35.50
C LEU B 119 -0.85 11.17 37.02
N ARG B 120 -1.62 10.39 37.76
CA ARG B 120 -1.37 10.29 39.19
C ARG B 120 -0.21 9.34 39.49
N ASP B 121 0.02 8.35 38.64
CA ASP B 121 1.22 7.49 38.70
C ASP B 121 2.29 7.93 37.71
N ASP B 122 2.51 9.24 37.61
CA ASP B 122 3.55 9.84 36.79
C ASP B 122 4.47 10.68 37.67
N PRO B 123 5.80 10.50 37.57
CA PRO B 123 6.72 11.19 38.50
C PRO B 123 6.74 12.71 38.33
N SER B 124 6.87 13.17 37.09
CA SER B 124 6.89 14.61 36.81
C SER B 124 5.62 15.29 37.33
N THR B 125 4.45 14.66 37.11
CA THR B 125 3.18 15.26 37.52
C THR B 125 3.04 15.34 39.02
N ILE B 126 3.61 14.36 39.74
CA ILE B 126 3.46 14.31 41.19
C ILE B 126 4.23 15.45 41.86
N GLU B 127 5.36 15.86 41.30
CA GLU B 127 6.13 16.95 41.90
C GLU B 127 5.58 18.32 41.53
N LYS B 128 5.06 18.49 40.31
CA LYS B 128 4.40 19.76 39.96
C LYS B 128 3.25 20.06 40.90
N LEU B 129 2.60 19.02 41.42
CA LEU B 129 1.55 19.21 42.41
C LEU B 129 2.13 19.60 43.77
N ALA B 130 3.26 19.00 44.13
CA ALA B 130 3.82 19.19 45.48
C ALA B 130 4.28 20.63 45.69
N LYS B 131 4.84 21.27 44.67
CA LYS B 131 5.30 22.65 44.82
C LYS B 131 4.14 23.61 45.10
N ASN B 132 2.95 23.32 44.56
CA ASN B 132 1.77 24.13 44.82
C ASN B 132 1.06 23.75 46.11
N LYS B 133 1.73 22.98 46.98
CA LYS B 133 1.13 22.49 48.23
C LYS B 133 -0.08 21.61 47.94
N GLN B 134 0.01 20.80 46.88
CA GLN B 134 -1.09 19.94 46.43
C GLN B 134 -0.59 18.54 46.12
N LYS B 135 -1.51 17.58 46.17
CA LYS B 135 -1.23 16.18 45.88
C LYS B 135 -2.45 15.59 45.17
N PRO B 136 -2.26 14.55 44.34
CA PRO B 136 -3.39 13.99 43.59
C PRO B 136 -4.52 13.52 44.50
N ILE B 137 -5.75 13.65 44.02
CA ILE B 137 -6.92 13.25 44.80
C ILE B 137 -7.09 11.73 44.73
N THR B 138 -7.18 11.12 45.91
CA THR B 138 -7.32 9.69 46.00
C THR B 138 -8.69 9.27 45.49
N PRO B 139 -8.84 8.00 45.08
CA PRO B 139 -10.20 7.48 44.85
C PRO B 139 -11.09 7.64 46.07
N GLU B 140 -10.56 7.32 47.26
CA GLU B 140 -11.37 7.27 48.49
C GLU B 140 -11.98 8.63 48.83
N THR B 141 -11.17 9.70 48.79
CA THR B 141 -11.72 11.04 49.02
C THR B 141 -12.77 11.38 47.98
N ALA B 142 -12.56 10.95 46.74
CA ALA B 142 -13.55 11.17 45.68
C ALA B 142 -14.74 10.24 45.83
N GLU B 143 -14.53 9.02 46.34
CA GLU B 143 -15.68 8.19 46.72
C GLU B 143 -16.36 8.70 47.99
N LYS B 144 -15.59 9.24 48.94
CA LYS B 144 -16.25 10.00 50.01
C LYS B 144 -17.31 10.93 49.44
N LEU B 145 -16.86 11.91 48.64
CA LEU B 145 -17.75 12.94 48.10
C LEU B 145 -18.91 12.37 47.28
N ALA B 146 -18.66 11.36 46.45
CA ALA B 146 -19.73 10.81 45.62
C ALA B 146 -20.89 10.32 46.47
N ARG B 147 -20.61 9.82 47.67
CA ARG B 147 -21.69 9.50 48.61
C ARG B 147 -22.29 10.77 49.20
N ASP B 148 -21.46 11.76 49.52
CA ASP B 148 -21.98 13.00 50.10
C ASP B 148 -23.13 13.60 49.31
N LEU B 149 -22.96 13.81 48.00
CA LEU B 149 -24.00 14.59 47.33
C LEU B 149 -25.01 13.71 46.60
N LYS B 150 -25.08 12.42 46.95
CA LYS B 150 -26.15 11.53 46.50
C LYS B 150 -26.03 11.24 45.00
N ALA B 151 -24.79 11.05 44.53
CA ALA B 151 -24.59 10.53 43.19
C ALA B 151 -24.86 9.03 43.18
N VAL B 152 -25.01 8.47 41.97
CA VAL B 152 -25.22 7.03 41.86
C VAL B 152 -23.97 6.28 42.28
N LYS B 153 -22.85 6.55 41.62
CA LYS B 153 -21.55 5.99 41.99
C LYS B 153 -20.45 6.98 41.62
N TYR B 154 -19.21 6.52 41.71
CA TYR B 154 -18.05 7.23 41.21
C TYR B 154 -17.18 6.25 40.42
N VAL B 155 -16.68 6.70 39.27
CA VAL B 155 -15.83 5.86 38.44
C VAL B 155 -14.56 6.62 38.07
N GLU B 156 -13.57 5.87 37.57
CA GLU B 156 -12.28 6.41 37.17
C GLU B 156 -11.91 5.91 35.78
N CYS B 157 -11.25 6.79 35.02
CA CYS B 157 -10.93 6.46 33.64
C CYS B 157 -9.63 7.12 33.23
N SER B 158 -9.05 6.56 32.17
CA SER B 158 -7.95 7.22 31.49
C SER B 158 -8.05 6.87 30.01
N ALA B 159 -8.06 7.91 29.15
CA ALA B 159 -8.08 7.70 27.70
C ALA B 159 -6.73 7.29 27.14
N LEU B 160 -5.63 7.62 27.84
CA LEU B 160 -4.32 7.10 27.47
C LEU B 160 -4.22 5.61 27.78
N THR B 161 -4.55 5.21 29.02
CA THR B 161 -4.62 3.79 29.34
C THR B 161 -5.69 3.10 28.49
N GLN B 162 -6.79 3.82 28.23
CA GLN B 162 -8.10 3.28 27.86
C GLN B 162 -8.59 2.26 28.89
N LYS B 163 -7.97 2.25 30.07
CA LYS B 163 -8.37 1.38 31.17
C LYS B 163 -9.35 2.11 32.09
N GLY B 164 -10.46 1.45 32.41
CA GLY B 164 -11.51 2.05 33.21
C GLY B 164 -12.51 2.87 32.43
N LEU B 165 -12.25 3.16 31.15
CA LEU B 165 -13.14 4.05 30.42
C LEU B 165 -14.42 3.31 30.00
N LYS B 166 -14.28 2.11 29.45
CA LYS B 166 -15.46 1.30 29.15
C LYS B 166 -16.39 1.20 30.35
N ASN B 167 -15.82 1.19 31.57
CA ASN B 167 -16.64 1.06 32.76
C ASN B 167 -17.47 2.30 33.02
N VAL B 168 -16.94 3.48 32.67
CA VAL B 168 -17.64 4.73 32.93
C VAL B 168 -19.00 4.75 32.23
N PHE B 169 -19.01 4.40 30.94
CA PHE B 169 -20.22 4.47 30.13
C PHE B 169 -21.17 3.32 30.43
N ASP B 170 -20.63 2.13 30.72
CA ASP B 170 -21.48 1.03 31.18
C ASP B 170 -22.28 1.44 32.41
N GLU B 171 -21.62 2.10 33.37
CA GLU B 171 -22.33 2.54 34.57
C GLU B 171 -23.30 3.66 34.26
N ALA B 172 -22.97 4.54 33.31
CA ALA B 172 -23.89 5.60 32.93
C ALA B 172 -25.20 5.03 32.39
N ILE B 173 -25.11 3.99 31.55
CA ILE B 173 -26.30 3.40 30.94
C ILE B 173 -27.14 2.68 31.98
N LEU B 174 -26.50 1.91 32.86
CA LEU B 174 -27.25 1.25 33.92
C LEU B 174 -27.98 2.27 34.77
N ALA B 175 -27.35 3.42 35.03
CA ALA B 175 -28.02 4.50 35.75
C ALA B 175 -29.24 5.04 34.98
N ALA B 176 -29.11 5.25 33.67
CA ALA B 176 -30.23 5.76 32.89
C ALA B 176 -31.37 4.75 32.75
N LEU B 177 -31.13 3.49 33.09
CA LEU B 177 -32.16 2.46 33.12
C LEU B 177 -32.68 2.20 34.54
N GLU B 178 -32.38 3.11 35.48
CA GLU B 178 -32.84 3.09 36.87
C GLU B 178 -32.11 2.05 37.70
N MET C 1 36.40 8.84 -22.69
CA MET C 1 36.45 7.58 -23.41
C MET C 1 35.68 6.53 -22.62
N GLN C 2 34.70 7.01 -21.85
CA GLN C 2 33.87 6.18 -21.00
C GLN C 2 32.49 5.84 -21.61
N THR C 3 32.10 6.51 -22.69
CA THR C 3 30.72 6.50 -23.13
C THR C 3 30.65 6.27 -24.64
N ILE C 4 29.72 5.41 -25.05
CA ILE C 4 29.47 5.14 -26.46
C ILE C 4 28.31 6.00 -26.90
N LYS C 5 28.52 6.79 -27.95
CA LYS C 5 27.44 7.58 -28.53
C LYS C 5 26.85 6.81 -29.70
N CYS C 6 25.59 6.39 -29.56
CA CYS C 6 24.84 5.70 -30.61
C CYS C 6 23.63 6.55 -30.98
N VAL C 7 23.46 6.81 -32.28
CA VAL C 7 22.42 7.71 -32.77
C VAL C 7 21.44 6.91 -33.62
N VAL C 8 20.14 7.13 -33.37
CA VAL C 8 19.06 6.32 -33.90
C VAL C 8 18.25 7.14 -34.90
N VAL C 9 18.14 6.65 -36.12
CA VAL C 9 17.41 7.38 -37.13
C VAL C 9 16.40 6.46 -37.78
N GLY C 10 15.42 7.07 -38.41
CA GLY C 10 14.38 6.34 -39.12
C GLY C 10 13.11 7.14 -39.15
N ASP C 11 12.18 6.68 -39.98
CA ASP C 11 10.91 7.37 -40.12
C ASP C 11 10.11 7.26 -38.82
N GLY C 12 9.16 8.16 -38.66
CA GLY C 12 8.26 8.10 -37.53
C GLY C 12 7.38 6.87 -37.59
N ALA C 13 6.94 6.45 -36.41
CA ALA C 13 5.99 5.36 -36.24
C ALA C 13 6.55 4.00 -36.66
N VAL C 14 7.89 3.88 -36.77
CA VAL C 14 8.52 2.56 -36.93
C VAL C 14 8.81 1.89 -35.58
N GLY C 15 8.60 2.61 -34.48
CA GLY C 15 8.84 2.04 -33.16
C GLY C 15 10.21 2.28 -32.60
N LYS C 16 10.93 3.32 -33.06
CA LYS C 16 12.29 3.48 -32.56
C LYS C 16 12.31 3.99 -31.13
N THR C 17 11.49 5.01 -30.80
CA THR C 17 11.45 5.45 -29.41
C THR C 17 11.01 4.31 -28.51
N CYS C 18 9.98 3.58 -28.93
CA CYS C 18 9.47 2.49 -28.10
C CYS C 18 10.53 1.39 -27.94
N LEU C 19 11.32 1.15 -28.98
CA LEU C 19 12.47 0.24 -28.91
C LEU C 19 13.47 0.68 -27.84
N LEU C 20 13.84 1.98 -27.82
CA LEU C 20 14.87 2.44 -26.90
C LEU C 20 14.37 2.47 -25.46
N ILE C 21 13.08 2.74 -25.23
CA ILE C 21 12.63 2.84 -23.85
C ILE C 21 12.59 1.47 -23.20
N SER C 22 12.16 0.46 -23.96
CA SER C 22 12.03 -0.88 -23.42
C SER C 22 13.40 -1.49 -23.11
N TYR C 23 14.39 -1.26 -23.97
CA TYR C 23 15.72 -1.79 -23.68
C TYR C 23 16.40 -1.00 -22.56
N THR C 24 16.12 0.29 -22.46
CA THR C 24 16.77 1.14 -21.46
C THR C 24 16.14 0.97 -20.08
N THR C 25 14.85 0.67 -20.01
CA THR C 25 14.20 0.53 -18.72
C THR C 25 13.92 -0.91 -18.35
N ASN C 26 14.12 -1.83 -19.30
CA ASN C 26 13.88 -3.23 -19.03
C ASN C 26 12.40 -3.46 -18.71
N LYS C 27 11.52 -2.79 -19.47
CA LYS C 27 10.07 -2.86 -19.32
C LYS C 27 9.41 -3.20 -20.64
N PHE C 28 8.18 -3.73 -20.58
CA PHE C 28 7.41 -3.84 -21.81
C PHE C 28 6.86 -2.47 -22.22
N PRO C 29 6.66 -2.24 -23.54
CA PRO C 29 6.19 -0.92 -24.00
C PRO C 29 4.94 -0.42 -23.30
N SER C 30 3.98 -1.28 -23.00
CA SER C 30 2.80 -0.79 -22.31
C SER C 30 3.08 -0.35 -20.88
N GLU C 31 4.18 -0.78 -20.27
CA GLU C 31 4.33 -0.54 -18.83
C GLU C 31 5.27 0.60 -18.47
N TYR C 32 5.87 1.30 -19.43
CA TYR C 32 6.71 2.44 -19.06
C TYR C 32 5.85 3.69 -18.90
N VAL C 33 6.23 4.52 -17.94
CA VAL C 33 5.59 5.80 -17.74
C VAL C 33 6.14 6.75 -18.78
N PRO C 34 5.29 7.35 -19.61
CA PRO C 34 5.78 8.27 -20.64
C PRO C 34 6.66 9.35 -20.05
N THR C 35 7.62 9.79 -20.84
CA THR C 35 8.58 10.80 -20.44
C THR C 35 8.49 11.95 -21.43
N VAL C 36 8.74 13.17 -20.93
CA VAL C 36 8.73 14.34 -21.81
C VAL C 36 10.12 14.66 -22.35
N PHE C 37 11.16 13.99 -21.87
CA PHE C 37 12.54 14.22 -22.30
C PHE C 37 12.93 13.28 -23.44
N ASP C 38 14.02 13.63 -24.12
CA ASP C 38 14.58 12.78 -25.18
C ASP C 38 15.87 12.15 -24.69
N ASN C 39 16.21 11.02 -25.32
CA ASN C 39 17.49 10.32 -25.19
C ASN C 39 17.46 9.42 -23.95
N TYR C 40 18.34 8.41 -23.94
CA TYR C 40 18.29 7.33 -22.97
C TYR C 40 19.72 6.86 -22.78
N ALA C 41 20.01 6.40 -21.57
CA ALA C 41 21.35 5.94 -21.22
C ALA C 41 21.22 4.66 -20.41
N VAL C 42 22.14 3.73 -20.61
CA VAL C 42 22.14 2.49 -19.86
C VAL C 42 23.58 2.05 -19.66
N THR C 43 23.88 1.58 -18.46
CA THR C 43 25.20 1.01 -18.24
C THR C 43 25.34 -0.32 -18.98
N VAL C 44 26.54 -0.56 -19.52
CA VAL C 44 26.90 -1.76 -20.30
C VAL C 44 28.31 -2.14 -19.90
N MET C 45 28.56 -3.44 -19.79
CA MET C 45 29.81 -3.94 -19.24
C MET C 45 30.77 -4.30 -20.36
N ILE C 46 31.97 -3.72 -20.31
CA ILE C 46 33.07 -4.07 -21.20
C ILE C 46 34.16 -4.71 -20.34
N GLY C 47 34.36 -6.01 -20.51
CA GLY C 47 35.43 -6.71 -19.81
C GLY C 47 35.40 -6.55 -18.31
N GLY C 48 34.20 -6.42 -17.74
CA GLY C 48 34.06 -6.10 -16.34
C GLY C 48 34.30 -4.64 -15.99
N GLU C 49 34.37 -3.76 -16.97
CA GLU C 49 34.46 -2.36 -16.60
C GLU C 49 33.18 -1.64 -17.02
N PRO C 50 32.68 -0.70 -16.22
CA PRO C 50 31.34 -0.13 -16.50
C PRO C 50 31.37 1.00 -17.53
N TYR C 51 30.52 0.89 -18.53
CA TYR C 51 30.42 1.91 -19.55
C TYR C 51 28.98 2.42 -19.60
N THR C 52 28.84 3.65 -20.09
CA THR C 52 27.55 4.21 -20.42
C THR C 52 27.32 4.06 -21.92
N LEU C 53 26.19 3.46 -22.28
CA LEU C 53 25.70 3.51 -23.66
C LEU C 53 24.69 4.65 -23.72
N GLY C 54 25.04 5.70 -24.46
CA GLY C 54 24.14 6.82 -24.66
C GLY C 54 23.37 6.63 -25.95
N LEU C 55 22.05 6.71 -25.85
CA LEU C 55 21.17 6.51 -27.00
C LEU C 55 20.55 7.85 -27.35
N PHE C 56 20.90 8.40 -28.51
CA PHE C 56 20.40 9.70 -28.96
C PHE C 56 19.19 9.46 -29.88
N ASP C 57 18.03 9.98 -29.49
CA ASP C 57 16.80 9.78 -30.25
C ASP C 57 16.54 10.97 -31.17
N THR C 58 16.32 10.71 -32.47
CA THR C 58 16.09 11.78 -33.45
C THR C 58 14.67 11.72 -34.03
N ALA C 59 14.14 12.87 -34.44
CA ALA C 59 12.85 12.91 -35.16
C ALA C 59 13.10 12.80 -36.65
N GLY C 60 12.43 11.83 -37.29
CA GLY C 60 12.57 11.51 -38.68
C GLY C 60 11.85 12.40 -39.67
N GLN C 61 10.98 13.31 -39.21
CA GLN C 61 10.13 14.08 -40.11
C GLN C 61 10.90 15.20 -40.82
N GLU C 62 10.38 15.61 -41.98
CA GLU C 62 11.07 16.57 -42.83
C GLU C 62 11.35 17.88 -42.10
N ASP C 63 10.43 18.36 -41.27
CA ASP C 63 10.64 19.62 -40.56
C ASP C 63 11.94 19.63 -39.75
N TYR C 64 12.49 18.45 -39.41
CA TYR C 64 13.68 18.35 -38.57
C TYR C 64 14.97 18.12 -39.37
N ASP C 65 14.93 18.15 -40.71
CA ASP C 65 16.10 17.80 -41.50
C ASP C 65 17.26 18.79 -41.33
N ARG C 66 16.98 20.06 -41.01
CA ARG C 66 18.05 21.05 -40.95
C ARG C 66 18.88 20.93 -39.68
N LEU C 67 18.24 20.67 -38.52
CA LEU C 67 19.01 20.61 -37.29
C LEU C 67 19.47 19.21 -36.88
N ARG C 68 18.91 18.14 -37.45
CA ARG C 68 19.25 16.79 -37.01
C ARG C 68 20.73 16.45 -37.19
N PRO C 69 21.42 16.80 -38.29
CA PRO C 69 22.84 16.42 -38.39
C PRO C 69 23.73 17.07 -37.33
N LEU C 70 23.27 18.11 -36.64
CA LEU C 70 24.08 18.66 -35.57
C LEU C 70 24.32 17.67 -34.45
N SER C 71 23.53 16.59 -34.37
CA SER C 71 23.79 15.53 -33.40
C SER C 71 24.76 14.49 -33.92
N TYR C 72 25.18 14.57 -35.17
CA TYR C 72 26.01 13.48 -35.66
C TYR C 72 27.47 13.57 -35.21
N PRO C 73 28.06 14.74 -34.94
CA PRO C 73 29.46 14.75 -34.53
C PRO C 73 29.68 13.94 -33.25
N GLN C 74 30.76 13.14 -33.25
CA GLN C 74 31.23 12.28 -32.16
C GLN C 74 30.48 10.95 -32.06
N THR C 75 29.64 10.61 -33.03
CA THR C 75 28.87 9.36 -32.97
C THR C 75 29.80 8.15 -33.13
N ASP C 76 29.55 7.09 -32.36
CA ASP C 76 30.33 5.87 -32.50
C ASP C 76 29.66 4.83 -33.38
N VAL C 77 28.32 4.84 -33.47
CA VAL C 77 27.59 3.89 -34.28
C VAL C 77 26.19 4.46 -34.50
N PHE C 78 25.65 4.21 -35.69
CA PHE C 78 24.29 4.57 -36.05
C PHE C 78 23.41 3.32 -36.09
N LEU C 79 22.20 3.42 -35.54
CA LEU C 79 21.11 2.47 -35.82
C LEU C 79 20.16 3.13 -36.83
N VAL C 80 20.07 2.55 -38.02
CA VAL C 80 19.10 2.97 -39.04
C VAL C 80 17.91 2.00 -38.97
N CYS C 81 16.75 2.50 -38.54
CA CYS C 81 15.57 1.69 -38.27
C CYS C 81 14.52 1.81 -39.37
N PHE C 82 13.86 0.69 -39.64
CA PHE C 82 12.60 0.66 -40.39
C PHE C 82 11.73 -0.40 -39.74
N SER C 83 10.41 -0.25 -39.87
CA SER C 83 9.46 -1.30 -39.48
C SER C 83 9.29 -2.29 -40.62
N VAL C 84 9.32 -3.58 -40.30
CA VAL C 84 9.20 -4.59 -41.36
C VAL C 84 7.79 -4.69 -41.94
N VAL C 85 6.81 -3.98 -41.38
CA VAL C 85 5.44 -3.98 -41.89
C VAL C 85 5.10 -2.61 -42.48
N SER C 86 6.13 -1.91 -42.97
CA SER C 86 5.94 -0.59 -43.56
C SER C 86 6.96 -0.39 -44.66
N PRO C 87 6.64 -0.86 -45.87
CA PRO C 87 7.62 -0.77 -46.97
C PRO C 87 8.07 0.66 -47.27
N SER C 88 7.29 1.67 -46.92
CA SER C 88 7.77 3.04 -47.09
C SER C 88 8.98 3.31 -46.22
N SER C 89 8.90 2.99 -44.91
CA SER C 89 10.08 3.13 -44.06
C SER C 89 11.25 2.30 -44.58
N PHE C 90 10.98 1.15 -45.18
CA PHE C 90 12.07 0.37 -45.76
C PHE C 90 12.70 1.09 -46.94
N GLU C 91 11.89 1.62 -47.87
CA GLU C 91 12.46 2.29 -49.03
C GLU C 91 13.23 3.55 -48.64
N ASN C 92 12.76 4.27 -47.61
CA ASN C 92 13.44 5.50 -47.21
C ASN C 92 14.79 5.24 -46.55
N VAL C 93 15.05 4.00 -46.13
CA VAL C 93 16.40 3.62 -45.73
C VAL C 93 17.37 3.75 -46.90
N LYS C 94 17.03 3.19 -48.06
CA LYS C 94 17.89 3.35 -49.23
C LYS C 94 17.93 4.80 -49.69
N GLU C 95 16.77 5.46 -49.71
CA GLU C 95 16.58 6.74 -50.39
C GLU C 95 16.67 7.97 -49.49
N LYS C 96 16.84 7.80 -48.17
CA LYS C 96 17.01 8.97 -47.32
C LYS C 96 18.08 8.76 -46.25
N TRP C 97 17.84 7.79 -45.37
CA TRP C 97 18.59 7.74 -44.12
C TRP C 97 20.04 7.35 -44.33
N VAL C 98 20.32 6.21 -44.99
CA VAL C 98 21.72 5.84 -45.24
C VAL C 98 22.48 6.94 -45.96
N PRO C 99 21.96 7.57 -47.03
CA PRO C 99 22.70 8.70 -47.61
C PRO C 99 22.98 9.82 -46.62
N GLU C 100 22.00 10.21 -45.80
CA GLU C 100 22.19 11.34 -44.89
C GLU C 100 23.31 11.06 -43.87
N ILE C 101 23.36 9.84 -43.30
CA ILE C 101 24.42 9.56 -42.32
C ILE C 101 25.76 9.33 -43.02
N THR C 102 25.75 8.66 -44.20
CA THR C 102 26.96 8.50 -45.00
C THR C 102 27.60 9.85 -45.32
N HIS C 103 26.77 10.84 -45.64
CA HIS C 103 27.29 12.15 -46.08
C HIS C 103 27.96 12.89 -44.95
N HIS C 104 27.36 12.87 -43.75
CA HIS C 104 27.93 13.58 -42.61
C HIS C 104 28.97 12.77 -41.88
N CYS C 105 28.84 11.44 -41.86
CA CYS C 105 29.77 10.56 -41.13
C CYS C 105 30.16 9.36 -41.97
N PRO C 106 30.98 9.56 -43.00
CA PRO C 106 31.23 8.47 -43.96
C PRO C 106 32.04 7.33 -43.37
N LYS C 107 32.73 7.57 -42.26
CA LYS C 107 33.57 6.54 -41.67
C LYS C 107 32.94 5.92 -40.41
N THR C 108 31.64 6.15 -40.17
CA THR C 108 31.00 5.72 -38.92
C THR C 108 30.09 4.53 -39.18
N PRO C 109 30.29 3.40 -38.51
CA PRO C 109 29.50 2.21 -38.84
C PRO C 109 28.04 2.36 -38.46
N PHE C 110 27.19 1.70 -39.23
CA PHE C 110 25.77 1.76 -38.98
C PHE C 110 25.19 0.37 -39.13
N LEU C 111 24.13 0.10 -38.37
CA LEU C 111 23.38 -1.14 -38.43
C LEU C 111 22.00 -0.87 -39.03
N LEU C 112 21.50 -1.83 -39.81
CA LEU C 112 20.14 -1.81 -40.29
C LEU C 112 19.26 -2.56 -39.29
N VAL C 113 18.22 -1.89 -38.79
CA VAL C 113 17.38 -2.46 -37.73
C VAL C 113 15.95 -2.57 -38.23
N GLY C 114 15.45 -3.80 -38.29
CA GLY C 114 14.05 -4.05 -38.55
C GLY C 114 13.30 -4.12 -37.24
N THR C 115 12.17 -3.43 -37.19
CA THR C 115 11.38 -3.32 -35.98
C THR C 115 10.01 -3.95 -36.20
N GLN C 116 9.29 -4.13 -35.10
CA GLN C 116 7.89 -4.53 -35.14
C GLN C 116 7.70 -5.88 -35.83
N ILE C 117 8.68 -6.78 -35.64
CA ILE C 117 8.66 -8.02 -36.39
C ILE C 117 7.51 -8.92 -35.97
N ASP C 118 6.95 -8.73 -34.78
CA ASP C 118 5.78 -9.52 -34.39
C ASP C 118 4.62 -9.30 -35.33
N LEU C 119 4.52 -8.11 -35.94
CA LEU C 119 3.38 -7.85 -36.81
C LEU C 119 3.49 -8.58 -38.14
N ARG C 120 4.61 -9.23 -38.43
CA ARG C 120 4.73 -10.00 -39.67
C ARG C 120 3.81 -11.22 -39.66
N ASP C 121 3.50 -11.74 -38.48
CA ASP C 121 2.57 -12.87 -38.32
C ASP C 121 1.26 -12.40 -37.71
N ASP C 122 0.79 -11.23 -38.12
CA ASP C 122 -0.48 -10.74 -37.61
C ASP C 122 -1.50 -10.74 -38.74
N PRO C 123 -2.65 -11.38 -38.53
CA PRO C 123 -3.67 -11.39 -39.59
C PRO C 123 -4.16 -10.01 -39.97
N SER C 124 -4.64 -9.23 -38.99
CA SER C 124 -5.13 -7.88 -39.29
C SER C 124 -4.06 -7.06 -40.01
N THR C 125 -2.79 -7.22 -39.64
CA THR C 125 -1.70 -6.49 -40.28
C THR C 125 -1.41 -7.04 -41.68
N ILE C 126 -1.27 -8.35 -41.81
CA ILE C 126 -0.98 -8.92 -43.13
C ILE C 126 -2.15 -8.69 -44.10
N GLU C 127 -3.39 -8.68 -43.59
CA GLU C 127 -4.55 -8.36 -44.43
C GLU C 127 -4.63 -6.87 -44.75
N LYS C 128 -4.36 -6.00 -43.76
CA LYS C 128 -4.40 -4.56 -44.00
C LYS C 128 -3.38 -4.12 -45.04
N LEU C 129 -2.31 -4.90 -45.21
CA LEU C 129 -1.39 -4.66 -46.32
C LEU C 129 -1.92 -5.23 -47.62
N ALA C 130 -2.77 -6.27 -47.54
CA ALA C 130 -3.35 -6.87 -48.74
C ALA C 130 -4.29 -5.88 -49.43
N LYS C 131 -5.18 -5.24 -48.66
CA LYS C 131 -6.08 -4.24 -49.21
C LYS C 131 -5.33 -3.04 -49.80
N ASN C 132 -4.09 -2.78 -49.36
CA ASN C 132 -3.25 -1.73 -49.91
C ASN C 132 -2.30 -2.24 -50.99
N LYS C 133 -2.46 -3.50 -51.42
CA LYS C 133 -1.67 -4.07 -52.52
C LYS C 133 -0.18 -4.05 -52.22
N GLN C 134 0.15 -4.27 -50.95
CA GLN C 134 1.53 -4.36 -50.48
C GLN C 134 1.70 -5.58 -49.60
N LYS C 135 2.94 -6.07 -49.53
CA LYS C 135 3.32 -7.25 -48.74
C LYS C 135 4.43 -6.90 -47.77
N PRO C 136 4.48 -7.58 -46.61
CA PRO C 136 5.50 -7.25 -45.59
C PRO C 136 6.92 -7.60 -46.02
N ILE C 137 7.88 -6.96 -45.37
CA ILE C 137 9.28 -7.04 -45.77
C ILE C 137 9.92 -8.25 -45.11
N THR C 138 10.34 -9.19 -45.92
CA THR C 138 10.88 -10.42 -45.42
C THR C 138 12.33 -10.21 -44.96
N PRO C 139 12.81 -11.02 -44.01
CA PRO C 139 14.18 -10.83 -43.53
C PRO C 139 15.24 -10.95 -44.61
N GLU C 140 15.02 -11.86 -45.56
CA GLU C 140 16.01 -12.08 -46.62
C GLU C 140 16.15 -10.84 -47.50
N THR C 141 15.03 -10.18 -47.85
CA THR C 141 15.17 -8.97 -48.65
C THR C 141 15.87 -7.86 -47.86
N ALA C 142 15.78 -7.89 -46.52
CA ALA C 142 16.41 -6.84 -45.72
C ALA C 142 17.91 -7.07 -45.52
N GLU C 143 18.35 -8.32 -45.45
CA GLU C 143 19.79 -8.59 -45.45
C GLU C 143 20.44 -8.21 -46.79
N LYS C 144 19.74 -8.38 -47.91
CA LYS C 144 20.32 -7.95 -49.18
C LYS C 144 20.53 -6.45 -49.21
N LEU C 145 19.58 -5.68 -48.67
CA LEU C 145 19.79 -4.24 -48.62
C LEU C 145 20.99 -3.90 -47.74
N ALA C 146 21.12 -4.62 -46.61
CA ALA C 146 22.22 -4.35 -45.69
C ALA C 146 23.58 -4.51 -46.37
N ARG C 147 23.76 -5.58 -47.16
CA ARG C 147 25.03 -5.77 -47.85
C ARG C 147 25.24 -4.75 -48.96
N ASP C 148 24.18 -4.45 -49.72
CA ASP C 148 24.27 -3.42 -50.75
C ASP C 148 24.74 -2.10 -50.17
N LEU C 149 24.06 -1.62 -49.11
CA LEU C 149 24.34 -0.31 -48.53
C LEU C 149 25.52 -0.30 -47.57
N LYS C 150 26.31 -1.39 -47.50
CA LYS C 150 27.57 -1.40 -46.76
C LYS C 150 27.36 -1.35 -45.24
N ALA C 151 26.18 -1.76 -44.79
CA ALA C 151 25.87 -1.90 -43.38
C ALA C 151 26.76 -2.93 -42.71
N VAL C 152 27.03 -2.73 -41.42
CA VAL C 152 27.81 -3.70 -40.66
C VAL C 152 27.05 -5.01 -40.53
N LYS C 153 25.73 -4.96 -40.33
CA LYS C 153 24.86 -6.13 -40.44
C LYS C 153 23.40 -5.69 -40.29
N TYR C 154 22.49 -6.65 -40.44
CA TYR C 154 21.07 -6.43 -40.26
C TYR C 154 20.61 -7.13 -38.99
N VAL C 155 19.70 -6.49 -38.25
CA VAL C 155 19.15 -7.08 -37.04
C VAL C 155 17.68 -6.74 -37.01
N GLU C 156 16.86 -7.70 -36.57
CA GLU C 156 15.44 -7.51 -36.37
C GLU C 156 15.13 -7.61 -34.90
N CYS C 157 14.04 -6.99 -34.51
CA CYS C 157 13.56 -7.15 -33.15
C CYS C 157 12.09 -6.79 -33.12
N SER C 158 11.47 -7.08 -31.99
CA SER C 158 10.12 -6.63 -31.68
C SER C 158 10.14 -6.10 -30.25
N ALA C 159 9.78 -4.84 -30.09
CA ALA C 159 9.68 -4.27 -28.76
C ALA C 159 8.59 -4.92 -27.93
N LEU C 160 7.58 -5.52 -28.58
CA LEU C 160 6.44 -6.06 -27.85
C LEU C 160 6.77 -7.42 -27.25
N THR C 161 7.27 -8.34 -28.06
CA THR C 161 7.62 -9.67 -27.57
C THR C 161 9.03 -9.75 -27.00
N GLN C 162 9.86 -8.72 -27.20
CA GLN C 162 11.26 -8.64 -26.84
C GLN C 162 12.16 -9.54 -27.68
N LYS C 163 11.60 -10.32 -28.60
CA LYS C 163 12.40 -11.20 -29.44
C LYS C 163 13.41 -10.36 -30.24
N GLY C 164 14.68 -10.77 -30.17
CA GLY C 164 15.76 -10.12 -30.89
C GLY C 164 16.22 -8.77 -30.35
N LEU C 165 15.63 -8.28 -29.24
CA LEU C 165 15.92 -6.91 -28.82
C LEU C 165 17.34 -6.80 -28.28
N LYS C 166 17.70 -7.66 -27.31
CA LYS C 166 19.04 -7.69 -26.72
C LYS C 166 20.14 -7.79 -27.78
N ASN C 167 19.92 -8.62 -28.80
CA ASN C 167 20.98 -8.82 -29.79
C ASN C 167 21.24 -7.56 -30.60
N VAL C 168 20.22 -6.71 -30.77
CA VAL C 168 20.41 -5.45 -31.49
C VAL C 168 21.46 -4.59 -30.80
N PHE C 169 21.34 -4.40 -29.46
CA PHE C 169 22.30 -3.57 -28.74
C PHE C 169 23.64 -4.29 -28.50
N ASP C 170 23.64 -5.62 -28.44
CA ASP C 170 24.91 -6.35 -28.45
C ASP C 170 25.66 -6.08 -29.74
N GLU C 171 24.95 -6.16 -30.87
CA GLU C 171 25.55 -5.85 -32.14
C GLU C 171 25.96 -4.39 -32.22
N ALA C 172 25.17 -3.47 -31.65
CA ALA C 172 25.52 -2.05 -31.73
C ALA C 172 26.77 -1.73 -30.91
N ILE C 173 26.88 -2.31 -29.70
CA ILE C 173 28.07 -2.07 -28.88
C ILE C 173 29.33 -2.53 -29.60
N LEU C 174 29.30 -3.76 -30.15
CA LEU C 174 30.47 -4.29 -30.84
C LEU C 174 30.84 -3.42 -32.05
N ALA C 175 29.86 -2.89 -32.79
CA ALA C 175 30.25 -1.98 -33.88
C ALA C 175 30.79 -0.65 -33.34
N ALA C 176 30.26 -0.19 -32.20
CA ALA C 176 30.69 1.10 -31.67
C ALA C 176 32.14 1.07 -31.21
N LEU C 177 32.67 -0.11 -30.91
CA LEU C 177 34.06 -0.26 -30.49
C LEU C 177 35.04 -0.30 -31.68
N GLU C 178 34.51 -0.27 -32.91
CA GLU C 178 35.17 -0.11 -34.22
C GLU C 178 35.15 -1.41 -35.04
N THR D 2 -3.30 -32.97 0.96
CA THR D 2 -4.15 -34.19 0.94
C THR D 2 -5.52 -33.99 1.47
N PRO D 3 -6.49 -34.50 0.70
CA PRO D 3 -7.86 -34.36 1.14
C PRO D 3 -8.16 -34.85 2.56
N GLU D 4 -7.57 -36.00 2.95
CA GLU D 4 -7.90 -36.55 4.26
C GLU D 4 -7.45 -35.61 5.39
N LEU D 5 -6.20 -35.12 5.34
CA LEU D 5 -5.74 -34.23 6.40
C LEU D 5 -6.49 -32.89 6.38
N ARG D 6 -6.76 -32.35 5.19
CA ARG D 6 -7.52 -31.12 5.12
C ARG D 6 -8.89 -31.31 5.76
N ARG D 7 -9.54 -32.45 5.51
CA ARG D 7 -10.88 -32.67 6.04
C ARG D 7 -10.87 -32.85 7.56
N THR D 8 -9.83 -33.51 8.08
CA THR D 8 -9.73 -33.68 9.53
C THR D 8 -9.50 -32.35 10.21
N TRP D 9 -8.72 -31.48 9.57
CA TRP D 9 -8.46 -30.16 10.12
C TRP D 9 -9.73 -29.31 10.13
N LEU D 10 -10.46 -29.26 9.00
CA LEU D 10 -11.68 -28.47 8.96
C LEU D 10 -12.70 -28.97 9.97
N GLU D 11 -12.80 -30.28 10.15
CA GLU D 11 -13.72 -30.85 11.13
C GLU D 11 -13.30 -30.49 12.56
N SER D 12 -11.99 -30.42 12.82
CA SER D 12 -11.55 -30.02 14.15
C SER D 12 -11.85 -28.55 14.40
N MET D 13 -11.48 -27.69 13.44
CA MET D 13 -11.75 -26.26 13.54
C MET D 13 -13.24 -26.00 13.74
N ALA D 14 -14.11 -26.75 13.06
CA ALA D 14 -15.53 -26.47 13.19
C ALA D 14 -16.02 -26.74 14.62
N LYS D 15 -15.49 -27.78 15.27
CA LYS D 15 -15.88 -28.07 16.65
C LYS D 15 -15.31 -27.03 17.60
N ILE D 16 -14.03 -26.66 17.44
CA ILE D 16 -13.44 -25.59 18.26
C ILE D 16 -14.24 -24.29 18.10
N HIS D 17 -14.50 -23.89 16.84
CA HIS D 17 -15.30 -22.70 16.63
C HIS D 17 -16.68 -22.85 17.28
N ALA D 18 -17.33 -24.00 17.07
CA ALA D 18 -18.62 -24.22 17.73
C ALA D 18 -18.50 -24.07 19.25
N ARG D 19 -17.42 -24.58 19.85
CA ARG D 19 -17.29 -24.52 21.31
C ARG D 19 -17.09 -23.09 21.83
N ASN D 20 -16.38 -22.23 21.08
CA ASN D 20 -16.12 -20.85 21.45
C ASN D 20 -17.24 -19.89 21.03
N GLY D 21 -18.33 -20.40 20.43
CA GLY D 21 -19.34 -19.50 19.93
C GLY D 21 -19.00 -18.72 18.69
N ASP D 22 -18.00 -19.13 17.90
CA ASP D 22 -17.73 -18.43 16.65
C ASP D 22 -18.47 -19.17 15.52
N LEU D 23 -19.78 -18.94 15.48
CA LEU D 23 -20.65 -19.82 14.69
C LEU D 23 -20.56 -19.54 13.18
N SER D 24 -20.32 -18.30 12.76
CA SER D 24 -20.10 -18.06 11.33
C SER D 24 -18.94 -18.89 10.81
N GLU D 25 -17.83 -18.92 11.58
CA GLU D 25 -16.67 -19.70 11.16
C GLU D 25 -16.94 -21.20 11.22
N ALA D 26 -17.78 -21.66 12.16
CA ALA D 26 -18.17 -23.07 12.14
C ALA D 26 -18.97 -23.39 10.87
N ALA D 27 -19.85 -22.47 10.47
CA ALA D 27 -20.63 -22.69 9.25
C ALA D 27 -19.72 -22.78 8.04
N MET D 28 -18.72 -21.88 7.97
CA MET D 28 -17.81 -21.89 6.85
C MET D 28 -16.99 -23.18 6.79
N CYS D 29 -16.60 -23.74 7.94
CA CYS D 29 -15.87 -25.01 7.88
C CYS D 29 -16.70 -26.10 7.21
N TYR D 30 -18.01 -26.15 7.49
CA TYR D 30 -18.82 -27.21 6.87
C TYR D 30 -19.03 -26.96 5.38
N ILE D 31 -19.06 -25.71 4.93
CA ILE D 31 -19.21 -25.48 3.49
C ILE D 31 -17.92 -25.86 2.77
N HIS D 32 -16.77 -25.65 3.42
CA HIS D 32 -15.49 -26.08 2.85
C HIS D 32 -15.37 -27.60 2.84
N ILE D 33 -15.82 -28.28 3.90
CA ILE D 33 -15.80 -29.75 3.89
C ILE D 33 -16.67 -30.27 2.76
N ALA D 34 -17.84 -29.68 2.59
CA ALA D 34 -18.71 -30.09 1.48
C ALA D 34 -18.05 -29.79 0.13
N ALA D 35 -17.35 -28.67 0.01
CA ALA D 35 -16.60 -28.40 -1.22
C ALA D 35 -15.51 -29.44 -1.45
N LEU D 36 -14.80 -29.83 -0.39
CA LEU D 36 -13.69 -30.77 -0.54
C LEU D 36 -14.18 -32.17 -0.88
N ILE D 37 -15.28 -32.61 -0.27
CA ILE D 37 -15.81 -33.93 -0.57
C ILE D 37 -16.37 -33.97 -2.00
N ALA D 38 -17.11 -32.93 -2.39
CA ALA D 38 -17.68 -32.85 -3.73
C ALA D 38 -16.59 -32.91 -4.81
N GLU D 39 -15.50 -32.15 -4.67
CA GLU D 39 -14.44 -32.20 -5.66
C GLU D 39 -13.79 -33.57 -5.69
N TYR D 40 -13.63 -34.20 -4.51
CA TYR D 40 -13.09 -35.56 -4.40
C TYR D 40 -13.94 -36.56 -5.18
N LEU D 41 -15.24 -36.59 -4.90
CA LEU D 41 -16.12 -37.52 -5.61
C LEU D 41 -16.16 -37.24 -7.11
N LYS D 42 -16.16 -35.96 -7.49
CA LYS D 42 -16.16 -35.62 -8.91
C LYS D 42 -14.90 -36.14 -9.60
N ARG D 43 -13.72 -35.83 -9.06
CA ARG D 43 -12.47 -36.28 -9.66
C ARG D 43 -12.36 -37.81 -9.70
N LYS D 44 -13.19 -38.52 -8.94
CA LYS D 44 -13.28 -39.98 -9.05
C LYS D 44 -14.35 -40.43 -10.05
N GLY D 45 -15.26 -39.55 -10.44
CA GLY D 45 -16.31 -39.94 -11.37
C GLY D 45 -17.55 -40.55 -10.73
N TYR D 46 -18.15 -39.83 -9.77
CA TYR D 46 -19.35 -40.28 -9.10
C TYR D 46 -20.61 -40.09 -9.94
N TRP D 47 -20.60 -39.19 -10.92
CA TRP D 47 -21.78 -38.89 -11.71
C TRP D 47 -21.58 -39.21 -13.21
N GLY D 77 -28.14 -23.35 -11.90
CA GLY D 77 -27.12 -24.37 -11.70
C GLY D 77 -27.03 -24.86 -10.27
N SER D 78 -25.78 -24.99 -9.79
CA SER D 78 -25.44 -25.31 -8.40
C SER D 78 -25.80 -26.76 -8.02
N MET D 79 -25.03 -27.72 -8.53
CA MET D 79 -25.19 -29.12 -8.22
C MET D 79 -23.85 -29.68 -7.78
N PHE D 80 -23.89 -30.63 -6.83
CA PHE D 80 -22.66 -31.24 -6.33
C PHE D 80 -21.77 -31.78 -7.45
N SER D 81 -22.38 -32.24 -8.55
CA SER D 81 -21.63 -32.78 -9.67
C SER D 81 -20.52 -31.83 -10.12
N MET D 82 -20.74 -30.51 -10.00
CA MET D 82 -19.79 -29.53 -10.49
C MET D 82 -18.48 -29.53 -9.71
N GLY D 83 -18.45 -30.17 -8.55
CA GLY D 83 -17.29 -30.10 -7.68
C GLY D 83 -17.35 -28.85 -6.80
N TRP D 84 -16.18 -28.35 -6.40
CA TRP D 84 -16.16 -27.15 -5.59
C TRP D 84 -16.82 -25.94 -6.25
N PRO D 85 -16.79 -25.74 -7.58
CA PRO D 85 -17.45 -24.55 -8.16
C PRO D 85 -18.93 -24.42 -7.83
N ALA D 86 -19.62 -25.50 -7.46
CA ALA D 86 -21.04 -25.41 -7.09
C ALA D 86 -21.28 -24.49 -5.89
N PHE D 87 -20.31 -24.33 -5.00
CA PHE D 87 -20.50 -23.54 -3.79
C PHE D 87 -20.00 -22.09 -3.92
N LEU D 88 -19.70 -21.65 -5.14
CA LEU D 88 -19.06 -20.36 -5.32
C LEU D 88 -19.98 -19.21 -4.94
N SER D 89 -21.29 -19.41 -5.01
CA SER D 89 -22.17 -18.33 -4.60
C SER D 89 -22.18 -18.16 -3.09
N ILE D 90 -21.94 -19.22 -2.31
CA ILE D 90 -21.86 -19.07 -0.86
C ILE D 90 -20.61 -18.29 -0.48
N THR D 91 -19.43 -18.78 -0.88
CA THR D 91 -18.16 -18.06 -0.68
C THR D 91 -17.15 -18.41 -1.77
N PRO D 92 -16.47 -17.41 -2.34
CA PRO D 92 -15.35 -17.72 -3.26
C PRO D 92 -14.13 -18.34 -2.58
N ASN D 93 -14.06 -18.33 -1.24
CA ASN D 93 -12.93 -18.94 -0.53
C ASN D 93 -12.77 -20.44 -0.85
N ILE D 94 -13.84 -21.14 -1.27
CA ILE D 94 -13.79 -22.60 -1.41
C ILE D 94 -13.03 -23.00 -2.66
N LYS D 95 -12.67 -22.01 -3.52
CA LYS D 95 -11.80 -22.30 -4.65
C LYS D 95 -10.55 -23.06 -4.19
N GLU D 96 -10.02 -22.74 -3.00
CA GLU D 96 -8.81 -23.37 -2.48
C GLU D 96 -8.99 -24.84 -2.14
N GLU D 97 -10.24 -25.34 -2.05
CA GLU D 97 -10.37 -26.78 -1.92
C GLU D 97 -10.04 -27.52 -3.20
N GLY D 98 -9.72 -26.80 -4.29
CA GLY D 98 -9.39 -27.43 -5.56
C GLY D 98 -7.89 -27.48 -5.81
N ALA D 99 -7.11 -27.79 -4.77
CA ALA D 99 -5.65 -27.93 -4.88
C ALA D 99 -5.14 -29.22 -4.20
N TYR D 111 -17.86 -42.45 1.91
CA TYR D 111 -18.04 -41.23 1.14
C TYR D 111 -19.19 -41.39 0.11
N ASN D 112 -20.36 -40.86 0.43
CA ASN D 112 -21.55 -41.01 -0.40
C ASN D 112 -22.05 -39.62 -0.79
N GLU D 113 -23.16 -39.60 -1.53
CA GLU D 113 -23.82 -38.32 -1.74
C GLU D 113 -24.65 -37.93 -0.52
N ASN D 114 -25.11 -38.92 0.25
CA ASN D 114 -25.78 -38.61 1.50
C ASN D 114 -24.87 -37.84 2.44
N ILE D 115 -23.58 -38.18 2.46
CA ILE D 115 -22.66 -37.51 3.37
C ILE D 115 -22.54 -36.03 3.01
N LEU D 116 -22.54 -35.71 1.71
CA LEU D 116 -22.50 -34.31 1.30
C LEU D 116 -23.67 -33.52 1.87
N VAL D 117 -24.87 -34.11 1.82
CA VAL D 117 -26.03 -33.43 2.37
C VAL D 117 -25.87 -33.19 3.88
N GLU D 118 -25.27 -34.15 4.61
CA GLU D 118 -25.12 -33.95 6.04
C GLU D 118 -24.25 -32.74 6.34
N GLN D 119 -23.19 -32.53 5.55
CA GLN D 119 -22.37 -31.33 5.74
C GLN D 119 -23.18 -30.05 5.60
N LEU D 120 -24.09 -30.02 4.62
CA LEU D 120 -24.85 -28.80 4.34
C LEU D 120 -25.92 -28.55 5.39
N TYR D 121 -26.51 -29.61 5.94
CA TYR D 121 -27.38 -29.46 7.10
C TYR D 121 -26.66 -28.77 8.25
N MET D 122 -25.43 -29.24 8.55
CA MET D 122 -24.63 -28.62 9.61
C MET D 122 -24.42 -27.14 9.35
N CYS D 123 -24.12 -26.79 8.10
CA CYS D 123 -23.89 -25.40 7.73
C CYS D 123 -25.12 -24.55 7.99
N VAL D 124 -26.29 -25.02 7.52
CA VAL D 124 -27.55 -24.31 7.76
C VAL D 124 -27.77 -24.08 9.27
N GLU D 125 -27.66 -25.16 10.06
CA GLU D 125 -27.76 -25.04 11.51
C GLU D 125 -26.90 -23.89 12.05
N PHE D 126 -25.62 -23.86 11.68
CA PHE D 126 -24.77 -22.79 12.20
C PHE D 126 -25.02 -21.47 11.48
N LEU D 127 -25.51 -21.51 10.23
CA LEU D 127 -25.94 -20.27 9.60
C LEU D 127 -27.10 -19.66 10.37
N TRP D 128 -28.06 -20.49 10.80
CA TRP D 128 -29.17 -20.01 11.64
C TRP D 128 -28.66 -19.38 12.92
N LYS D 129 -27.79 -20.09 13.64
CA LYS D 129 -27.36 -19.59 14.94
C LYS D 129 -26.54 -18.31 14.81
N SER D 130 -25.71 -18.20 13.76
CA SER D 130 -24.90 -16.99 13.57
C SER D 130 -25.67 -15.83 12.95
N GLU D 131 -26.98 -15.99 12.75
CA GLU D 131 -27.85 -14.98 12.19
C GLU D 131 -27.48 -14.62 10.75
N ARG D 132 -26.79 -15.52 10.02
CA ARG D 132 -26.54 -15.25 8.59
C ARG D 132 -27.64 -15.89 7.75
N TYR D 133 -28.88 -15.54 8.11
CA TYR D 133 -30.06 -16.17 7.53
C TYR D 133 -30.11 -16.02 6.01
N GLU D 134 -29.66 -14.86 5.50
CA GLU D 134 -29.66 -14.63 4.05
C GLU D 134 -28.95 -15.74 3.30
N LEU D 135 -27.94 -16.36 3.90
CA LEU D 135 -27.16 -17.37 3.21
C LEU D 135 -27.91 -18.69 3.06
N ILE D 136 -28.97 -18.91 3.85
CA ILE D 136 -29.55 -20.25 3.91
C ILE D 136 -30.13 -20.65 2.57
N ALA D 137 -30.72 -19.70 1.82
CA ALA D 137 -31.25 -20.07 0.51
C ALA D 137 -30.17 -20.65 -0.39
N ASP D 138 -28.97 -20.06 -0.41
CA ASP D 138 -27.93 -20.55 -1.32
C ASP D 138 -27.36 -21.88 -0.87
N VAL D 139 -27.32 -22.16 0.43
CA VAL D 139 -26.77 -23.44 0.88
C VAL D 139 -27.73 -24.58 0.55
N ASN D 140 -29.03 -24.29 0.51
CA ASN D 140 -30.04 -25.33 0.29
C ASN D 140 -30.17 -25.73 -1.17
N LYS D 141 -29.75 -24.89 -2.12
CA LYS D 141 -29.93 -25.21 -3.53
C LYS D 141 -29.35 -26.56 -3.92
N PRO D 142 -28.08 -26.88 -3.62
CA PRO D 142 -27.60 -28.23 -3.95
C PRO D 142 -28.34 -29.32 -3.22
N ILE D 143 -28.86 -29.06 -2.02
CA ILE D 143 -29.66 -30.08 -1.35
C ILE D 143 -30.93 -30.35 -2.14
N ILE D 144 -31.59 -29.27 -2.59
CA ILE D 144 -32.80 -29.37 -3.40
C ILE D 144 -32.53 -30.18 -4.67
N ALA D 145 -31.41 -29.89 -5.35
CA ALA D 145 -31.09 -30.63 -6.56
C ALA D 145 -31.04 -32.12 -6.29
N VAL D 146 -30.50 -32.52 -5.14
CA VAL D 146 -30.46 -33.94 -4.76
C VAL D 146 -31.86 -34.53 -4.68
N PHE D 147 -32.74 -33.87 -3.92
CA PHE D 147 -34.06 -34.46 -3.69
C PHE D 147 -35.02 -34.27 -4.86
N GLU D 148 -34.78 -33.28 -5.73
CA GLU D 148 -35.44 -33.25 -7.04
C GLU D 148 -35.20 -34.57 -7.77
N LYS D 149 -33.93 -34.97 -7.93
CA LYS D 149 -33.64 -36.23 -8.62
C LYS D 149 -34.27 -37.41 -7.91
N GLN D 150 -34.46 -37.33 -6.59
CA GLN D 150 -35.04 -38.46 -5.88
C GLN D 150 -36.54 -38.40 -5.81
N ARG D 151 -37.14 -37.31 -6.29
CA ARG D 151 -38.58 -37.09 -6.22
C ARG D 151 -39.06 -37.17 -4.77
N ASP D 152 -38.21 -36.75 -3.84
CA ASP D 152 -38.66 -36.70 -2.45
C ASP D 152 -39.38 -35.38 -2.27
N PHE D 153 -40.67 -35.38 -2.56
CA PHE D 153 -41.42 -34.13 -2.60
C PHE D 153 -41.78 -33.64 -1.20
N LYS D 154 -41.96 -34.54 -0.22
CA LYS D 154 -42.04 -34.06 1.16
C LYS D 154 -40.76 -33.32 1.52
N LYS D 155 -39.61 -33.93 1.25
CA LYS D 155 -38.34 -33.29 1.62
C LYS D 155 -38.17 -31.95 0.89
N LEU D 156 -38.53 -31.89 -0.41
CA LEU D 156 -38.52 -30.61 -1.11
C LEU D 156 -39.48 -29.62 -0.47
N SER D 157 -40.63 -30.10 -0.02
CA SER D 157 -41.51 -29.26 0.76
C SER D 157 -40.78 -28.71 1.98
N ASP D 158 -40.03 -29.56 2.70
CA ASP D 158 -39.41 -29.07 3.92
C ASP D 158 -38.31 -28.06 3.63
N LEU D 159 -37.49 -28.33 2.60
CA LEU D 159 -36.39 -27.43 2.33
C LEU D 159 -36.91 -26.07 1.89
N TYR D 160 -37.93 -26.04 1.02
CA TYR D 160 -38.46 -24.74 0.64
C TYR D 160 -39.15 -24.05 1.81
N TYR D 161 -39.67 -24.83 2.74
CA TYR D 161 -40.19 -24.24 3.97
C TYR D 161 -39.09 -23.59 4.80
N ASP D 162 -37.93 -24.27 4.94
CA ASP D 162 -36.80 -23.70 5.67
C ASP D 162 -36.35 -22.38 5.07
N ILE D 163 -36.28 -22.30 3.73
CA ILE D 163 -35.86 -21.05 3.10
C ILE D 163 -36.89 -19.95 3.38
N HIS D 164 -38.17 -20.30 3.36
CA HIS D 164 -39.19 -19.31 3.67
C HIS D 164 -39.01 -18.75 5.08
N ARG D 165 -38.70 -19.61 6.06
CA ARG D 165 -38.63 -19.09 7.42
C ARG D 165 -37.36 -18.28 7.66
N SER D 166 -36.26 -18.58 6.96
CA SER D 166 -35.08 -17.72 7.04
C SER D 166 -35.36 -16.32 6.47
N TYR D 167 -36.11 -16.21 5.36
CA TYR D 167 -36.41 -14.85 4.86
C TYR D 167 -37.45 -14.16 5.72
N LEU D 168 -38.33 -14.93 6.36
CA LEU D 168 -39.22 -14.33 7.34
C LEU D 168 -38.41 -13.77 8.49
N LYS D 169 -37.42 -14.54 8.97
CA LYS D 169 -36.51 -14.04 10.00
C LYS D 169 -35.80 -12.77 9.53
N VAL D 170 -35.29 -12.76 8.29
CA VAL D 170 -34.59 -11.57 7.80
C VAL D 170 -35.53 -10.37 7.78
N ALA D 171 -36.78 -10.56 7.37
CA ALA D 171 -37.71 -9.43 7.32
C ALA D 171 -37.93 -8.82 8.69
N GLU D 172 -37.79 -9.62 9.75
CA GLU D 172 -38.03 -9.11 11.10
C GLU D 172 -36.82 -8.44 11.73
N VAL D 173 -35.61 -8.64 11.23
CA VAL D 173 -34.43 -8.11 11.89
C VAL D 173 -33.59 -7.21 11.00
N VAL D 174 -33.94 -7.07 9.72
CA VAL D 174 -33.01 -6.44 8.79
C VAL D 174 -32.76 -4.99 9.19
N ASN D 175 -31.47 -4.61 9.17
CA ASN D 175 -30.97 -3.28 9.49
C ASN D 175 -31.65 -2.65 10.70
N SER D 176 -31.89 -3.46 11.74
CA SER D 176 -32.42 -2.95 12.99
C SER D 176 -31.30 -2.65 13.98
N GLU D 177 -30.05 -2.90 13.59
CA GLU D 177 -28.88 -2.92 14.46
C GLU D 177 -28.96 -4.01 15.51
N LYS D 178 -29.90 -4.96 15.35
CA LYS D 178 -29.99 -6.07 16.29
C LYS D 178 -28.97 -7.15 16.00
N ARG D 179 -28.49 -7.21 14.76
CA ARG D 179 -27.47 -8.19 14.40
C ARG D 179 -26.11 -7.52 14.52
N LEU D 180 -25.21 -8.17 15.24
CA LEU D 180 -23.88 -7.65 15.53
C LEU D 180 -22.88 -8.67 14.99
N PHE D 181 -22.47 -8.46 13.75
CA PHE D 181 -21.62 -9.46 13.11
C PHE D 181 -20.16 -9.37 13.52
N GLY D 182 -19.73 -8.30 14.19
CA GLY D 182 -18.39 -8.19 14.72
C GLY D 182 -17.71 -6.88 14.34
N ARG D 183 -16.58 -6.65 14.98
CA ARG D 183 -15.71 -5.51 14.74
C ARG D 183 -14.35 -6.00 14.23
N TYR D 184 -13.72 -5.26 13.33
CA TYR D 184 -12.46 -5.70 12.73
C TYR D 184 -11.29 -4.86 13.21
N TYR D 185 -10.14 -5.51 13.38
CA TYR D 185 -8.91 -4.83 13.81
C TYR D 185 -7.74 -5.26 12.96
N ARG D 186 -6.96 -4.29 12.46
CA ARG D 186 -5.64 -4.60 11.93
C ARG D 186 -4.71 -4.91 13.09
N VAL D 187 -3.97 -6.01 12.98
CA VAL D 187 -3.01 -6.45 13.98
C VAL D 187 -1.75 -6.92 13.25
N ALA D 188 -0.61 -6.29 13.57
CA ALA D 188 0.66 -6.59 12.95
C ALA D 188 1.71 -6.78 14.03
N PHE D 189 2.63 -7.73 13.80
CA PHE D 189 3.60 -8.18 14.79
C PHE D 189 5.02 -7.83 14.35
N TYR D 190 5.75 -7.13 15.21
CA TYR D 190 7.16 -6.80 14.98
C TYR D 190 7.99 -7.28 16.17
N GLY D 191 8.98 -8.13 15.89
CA GLY D 191 9.85 -8.72 16.91
C GLY D 191 10.69 -9.85 16.35
N GLN D 192 11.77 -9.50 15.64
CA GLN D 192 12.59 -10.53 14.98
C GLN D 192 13.04 -11.61 15.96
N GLY D 193 13.17 -11.27 17.25
CA GLY D 193 13.67 -12.18 18.26
C GLY D 193 12.63 -12.82 19.15
N PHE D 194 11.34 -12.70 18.82
CA PHE D 194 10.29 -13.17 19.72
C PHE D 194 9.24 -13.98 18.96
N PHE D 195 8.79 -13.45 17.82
CA PHE D 195 7.64 -14.01 17.12
C PHE D 195 8.09 -15.09 16.15
N GLU D 196 7.26 -16.13 16.04
CA GLU D 196 7.62 -17.26 15.19
C GLU D 196 7.12 -17.00 13.77
N GLU D 197 5.98 -17.58 13.41
CA GLU D 197 5.38 -17.34 12.11
C GLU D 197 4.66 -16.00 12.01
N GLU D 198 4.18 -15.46 13.14
CA GLU D 198 3.53 -14.15 13.12
C GLU D 198 4.48 -12.99 12.81
N GLU D 199 5.81 -13.20 12.82
CA GLU D 199 6.75 -12.08 12.77
C GLU D 199 6.63 -11.31 11.47
N GLY D 200 6.44 -9.99 11.60
CA GLY D 200 6.41 -9.10 10.45
C GLY D 200 5.19 -9.24 9.58
N LYS D 201 4.12 -9.83 10.09
CA LYS D 201 2.94 -10.07 9.29
C LYS D 201 1.75 -9.32 9.87
N GLU D 202 0.88 -8.90 8.97
CA GLU D 202 -0.28 -8.08 9.29
C GLU D 202 -1.54 -8.91 9.09
N TYR D 203 -2.42 -8.91 10.08
CA TYR D 203 -3.66 -9.66 9.98
C TYR D 203 -4.85 -8.74 10.21
N ILE D 204 -5.99 -9.12 9.65
CA ILE D 204 -7.27 -8.60 10.13
C ILE D 204 -7.87 -9.64 11.08
N TYR D 205 -8.17 -9.20 12.30
CA TYR D 205 -8.81 -10.03 13.33
C TYR D 205 -10.30 -9.72 13.41
N LYS D 206 -11.15 -10.73 13.20
CA LYS D 206 -12.59 -10.54 13.36
C LYS D 206 -12.97 -10.80 14.83
N GLU D 207 -13.40 -9.73 15.56
CA GLU D 207 -13.71 -9.84 16.98
C GLU D 207 -15.22 -9.94 17.18
N PRO D 208 -15.67 -10.57 18.27
CA PRO D 208 -17.12 -10.73 18.49
C PRO D 208 -17.82 -9.41 18.80
N LYS D 209 -19.04 -9.29 18.29
CA LYS D 209 -20.00 -8.23 18.62
C LYS D 209 -19.40 -6.83 18.61
N LEU D 210 -19.34 -6.16 19.76
CA LEU D 210 -18.84 -4.79 19.79
C LEU D 210 -17.55 -4.68 20.58
N THR D 211 -16.64 -5.64 20.41
CA THR D 211 -15.33 -5.56 21.04
C THR D 211 -14.65 -4.24 20.72
N GLY D 212 -14.36 -3.45 21.75
CA GLY D 212 -13.70 -2.18 21.55
C GLY D 212 -12.18 -2.30 21.48
N LEU D 213 -11.55 -1.18 21.14
CA LEU D 213 -10.11 -1.19 20.87
C LEU D 213 -9.31 -1.65 22.08
N SER D 214 -9.69 -1.22 23.28
CA SER D 214 -8.86 -1.57 24.45
C SER D 214 -8.97 -3.05 24.80
N GLU D 215 -10.17 -3.64 24.67
CA GLU D 215 -10.34 -5.06 24.93
C GLU D 215 -9.35 -5.90 24.12
N ILE D 216 -9.39 -5.79 22.79
CA ILE D 216 -8.49 -6.64 22.00
C ILE D 216 -7.03 -6.26 22.28
N SER D 217 -6.77 -5.00 22.61
CA SER D 217 -5.38 -4.60 22.83
C SER D 217 -4.82 -5.25 24.08
N GLN D 218 -5.56 -5.18 25.19
CA GLN D 218 -5.07 -5.78 26.42
C GLN D 218 -5.01 -7.30 26.29
N ARG D 219 -6.03 -7.90 25.66
CA ARG D 219 -6.02 -9.34 25.43
C ARG D 219 -4.80 -9.77 24.62
N LEU D 220 -4.46 -9.02 23.56
CA LEU D 220 -3.27 -9.35 22.79
C LEU D 220 -2.00 -9.09 23.58
N LEU D 221 -2.03 -8.07 24.43
CA LEU D 221 -0.88 -7.75 25.28
C LEU D 221 -0.58 -8.89 26.24
N LYS D 222 -1.56 -9.26 27.07
CA LYS D 222 -1.30 -10.29 28.08
C LYS D 222 -1.06 -11.67 27.46
N LEU D 223 -1.65 -11.95 26.29
CA LEU D 223 -1.40 -13.23 25.66
C LEU D 223 0.08 -13.39 25.32
N TYR D 224 0.70 -12.36 24.74
CA TYR D 224 2.11 -12.43 24.35
C TYR D 224 3.04 -11.92 25.45
N ALA D 225 2.50 -11.38 26.54
CA ALA D 225 3.30 -11.12 27.74
C ALA D 225 3.52 -12.38 28.56
N ASP D 226 2.64 -13.36 28.42
CA ASP D 226 2.79 -14.65 29.09
C ASP D 226 3.60 -15.66 28.29
N LYS D 227 3.71 -15.49 26.96
CA LYS D 227 4.65 -16.30 26.19
C LYS D 227 6.05 -15.71 26.19
N PHE D 228 6.17 -14.39 26.31
CA PHE D 228 7.41 -13.64 26.45
C PHE D 228 7.47 -13.07 27.87
N GLY D 229 8.19 -11.98 28.07
CA GLY D 229 8.29 -11.33 29.36
C GLY D 229 7.28 -10.20 29.46
N ALA D 230 6.63 -10.10 30.63
CA ALA D 230 5.64 -9.06 30.83
C ALA D 230 6.22 -7.67 30.57
N ASP D 231 7.53 -7.49 30.68
CA ASP D 231 8.18 -6.21 30.43
C ASP D 231 8.82 -6.13 29.05
N ASN D 232 8.58 -7.11 28.17
CA ASN D 232 9.18 -7.13 26.84
C ASN D 232 8.18 -6.95 25.70
N VAL D 233 6.90 -6.67 26.01
CA VAL D 233 5.85 -6.50 25.01
C VAL D 233 5.28 -5.09 25.08
N LYS D 234 5.17 -4.43 23.94
CA LYS D 234 4.62 -3.08 23.86
C LYS D 234 3.62 -2.99 22.71
N ILE D 235 2.50 -2.29 22.94
CA ILE D 235 1.49 -2.09 21.90
C ILE D 235 1.88 -0.88 21.05
N ILE D 236 1.98 -1.07 19.74
CA ILE D 236 2.23 0.08 18.87
C ILE D 236 0.91 0.82 18.64
N GLN D 237 0.83 2.06 19.12
CA GLN D 237 -0.38 2.85 19.01
C GLN D 237 -0.50 3.55 17.66
N ASP D 238 0.57 4.13 17.14
CA ASP D 238 0.53 4.82 15.85
C ASP D 238 0.02 3.88 14.76
N SER D 239 -0.85 4.40 13.89
CA SER D 239 -1.44 3.61 12.82
C SER D 239 -0.70 3.73 11.49
N ASN D 240 0.34 4.56 11.39
CA ASN D 240 1.10 4.59 10.14
C ASN D 240 1.83 3.27 9.96
N LYS D 241 2.14 2.93 8.72
CA LYS D 241 2.88 1.69 8.49
C LYS D 241 4.20 1.74 9.25
N VAL D 242 4.50 0.67 9.99
CA VAL D 242 5.70 0.61 10.82
C VAL D 242 6.90 0.29 9.92
N ASN D 243 8.03 1.10 10.05
CA ASN D 243 9.32 0.70 9.47
C ASN D 243 10.16 0.03 10.56
N PRO D 244 10.69 -1.18 10.33
CA PRO D 244 11.37 -1.91 11.41
C PRO D 244 12.53 -1.14 12.04
N LYS D 245 13.24 -0.30 11.27
CA LYS D 245 14.41 0.40 11.82
C LYS D 245 14.08 1.14 13.10
N ASP D 246 12.93 1.82 13.15
CA ASP D 246 12.60 2.62 14.33
C ASP D 246 12.31 1.79 15.57
N LEU D 247 12.49 0.48 15.58
CA LEU D 247 12.10 -0.33 16.72
C LEU D 247 13.31 -0.79 17.52
N ASP D 248 13.12 -0.96 18.83
CA ASP D 248 14.13 -1.54 19.70
C ASP D 248 13.97 -3.05 19.75
N PRO D 249 14.99 -3.84 19.36
CA PRO D 249 14.89 -5.31 19.47
C PRO D 249 14.79 -5.84 20.89
N LYS D 250 14.92 -5.00 21.92
CA LYS D 250 14.73 -5.46 23.30
C LYS D 250 13.29 -5.82 23.62
N TYR D 251 12.32 -5.37 22.82
CA TYR D 251 10.93 -5.63 23.14
C TYR D 251 10.22 -6.19 21.90
N ALA D 252 9.06 -6.83 22.15
CA ALA D 252 8.15 -7.29 21.11
C ALA D 252 7.02 -6.29 20.95
N TYR D 253 6.62 -6.05 19.70
CA TYR D 253 5.63 -5.01 19.39
C TYR D 253 4.39 -5.57 18.70
N ILE D 254 3.22 -5.13 19.16
CA ILE D 254 1.93 -5.54 18.57
C ILE D 254 1.14 -4.27 18.21
N GLN D 255 1.04 -3.98 16.90
CA GLN D 255 0.31 -2.81 16.40
C GLN D 255 -1.18 -3.16 16.22
N VAL D 256 -2.04 -2.36 16.83
CA VAL D 256 -3.48 -2.61 16.80
C VAL D 256 -4.20 -1.36 16.32
N THR D 257 -5.02 -1.50 15.29
CA THR D 257 -5.76 -0.39 14.72
C THR D 257 -7.18 -0.83 14.37
N TYR D 258 -8.17 -0.03 14.77
CA TYR D 258 -9.55 -0.31 14.40
C TYR D 258 -9.76 0.00 12.92
N VAL D 259 -10.39 -0.93 12.21
CA VAL D 259 -10.72 -0.74 10.80
C VAL D 259 -12.19 -1.10 10.62
N THR D 260 -12.76 -0.64 9.50
CA THR D 260 -14.13 -0.97 9.12
C THR D 260 -14.16 -1.46 7.67
N PRO D 261 -15.16 -2.28 7.32
CA PRO D 261 -15.30 -2.76 5.93
C PRO D 261 -15.40 -1.61 4.93
N PHE D 262 -14.66 -1.73 3.82
CA PHE D 262 -14.51 -0.64 2.86
C PHE D 262 -15.20 -0.99 1.54
N PHE D 263 -15.92 -0.01 1.00
CA PHE D 263 -16.57 -0.16 -0.30
C PHE D 263 -16.42 1.16 -1.05
N GLU D 264 -16.15 1.08 -2.34
CA GLU D 264 -16.14 2.31 -3.11
C GLU D 264 -17.53 2.63 -3.61
N GLU D 265 -17.69 3.86 -4.12
CA GLU D 265 -19.02 4.35 -4.48
C GLU D 265 -19.74 3.38 -5.43
N LYS D 266 -19.02 2.73 -6.33
CA LYS D 266 -19.64 1.71 -7.17
C LYS D 266 -20.25 0.58 -6.34
N GLU D 267 -19.56 0.15 -5.27
CA GLU D 267 -19.98 -1.02 -4.49
C GLU D 267 -21.17 -0.71 -3.61
N ILE D 268 -21.34 0.55 -3.20
CA ILE D 268 -22.29 0.88 -2.14
C ILE D 268 -23.70 0.44 -2.52
N GLU D 269 -24.02 0.40 -3.82
CA GLU D 269 -25.32 -0.12 -4.25
C GLU D 269 -25.54 -1.54 -3.76
N ASP D 270 -24.52 -2.39 -3.87
CA ASP D 270 -24.63 -3.78 -3.51
C ASP D 270 -24.39 -4.05 -2.02
N ARG D 271 -24.29 -3.00 -1.19
CA ARG D 271 -23.99 -3.16 0.23
C ARG D 271 -25.04 -2.38 1.02
N LYS D 272 -26.29 -2.83 0.87
CA LYS D 272 -27.44 -2.13 1.44
C LYS D 272 -27.72 -2.52 2.90
N THR D 273 -27.53 -3.79 3.30
CA THR D 273 -27.94 -4.23 4.64
C THR D 273 -26.75 -4.44 5.58
N ASP D 274 -27.08 -4.69 6.85
CA ASP D 274 -26.04 -5.07 7.81
C ASP D 274 -25.44 -6.42 7.49
N PHE D 275 -26.25 -7.38 7.02
CA PHE D 275 -25.67 -8.63 6.57
C PHE D 275 -24.76 -8.43 5.37
N GLU D 276 -25.18 -7.61 4.40
CA GLU D 276 -24.37 -7.43 3.19
C GLU D 276 -23.05 -6.73 3.49
N MET D 277 -23.00 -5.92 4.54
CA MET D 277 -21.77 -5.22 4.84
C MET D 277 -20.77 -6.09 5.59
N HIS D 278 -21.13 -7.32 5.93
CA HIS D 278 -20.23 -8.27 6.58
C HIS D 278 -20.09 -9.55 5.80
N HIS D 279 -20.55 -9.59 4.56
CA HIS D 279 -20.66 -10.84 3.82
C HIS D 279 -19.70 -10.84 2.65
N ASN D 280 -18.72 -11.76 2.68
CA ASN D 280 -17.76 -11.91 1.58
C ASN D 280 -17.03 -10.59 1.32
N ILE D 281 -16.32 -10.13 2.35
CA ILE D 281 -15.59 -8.87 2.33
C ILE D 281 -14.11 -9.17 2.55
N ASN D 282 -13.26 -8.49 1.78
CA ASN D 282 -11.82 -8.60 2.03
C ASN D 282 -11.12 -7.25 1.99
N ARG D 283 -11.85 -6.14 2.12
CA ARG D 283 -11.21 -4.82 2.10
C ARG D 283 -11.63 -4.04 3.33
N PHE D 284 -10.62 -3.56 4.07
CA PHE D 284 -10.85 -2.82 5.29
C PHE D 284 -10.11 -1.50 5.18
N VAL D 285 -10.66 -0.46 5.82
CA VAL D 285 -10.15 0.89 5.71
C VAL D 285 -9.95 1.49 7.10
N PHE D 286 -8.93 2.33 7.22
CA PHE D 286 -8.79 3.19 8.40
C PHE D 286 -8.12 4.50 7.97
N GLU D 287 -8.44 5.57 8.69
CA GLU D 287 -7.87 6.88 8.40
C GLU D 287 -6.85 7.29 9.47
N THR D 288 -5.74 7.88 9.02
CA THR D 288 -4.69 8.38 9.92
C THR D 288 -4.52 9.87 9.77
N PRO D 289 -4.47 10.63 10.86
CA PRO D 289 -4.30 12.07 10.74
C PRO D 289 -2.84 12.43 10.52
N PHE D 290 -2.62 13.36 9.58
CA PHE D 290 -1.32 14.03 9.48
C PHE D 290 -1.55 15.45 8.98
N THR D 291 -0.53 16.29 9.16
CA THR D 291 -0.57 17.67 8.68
C THR D 291 0.41 17.85 7.53
N LEU D 292 0.21 18.96 6.80
CA LEU D 292 1.14 19.31 5.72
C LEU D 292 2.60 19.28 6.17
N SER D 293 2.87 19.60 7.44
CA SER D 293 4.24 19.77 7.91
C SER D 293 4.85 18.52 8.52
N GLY D 294 4.13 17.40 8.58
CA GLY D 294 4.66 16.18 9.14
C GLY D 294 4.20 15.88 10.54
N LYS D 295 3.34 16.70 11.13
CA LYS D 295 2.77 16.35 12.41
C LYS D 295 1.48 15.59 12.22
N LYS D 296 0.89 15.15 13.33
CA LYS D 296 -0.40 14.46 13.19
C LYS D 296 -1.55 15.46 13.19
N HIS D 297 -1.60 16.33 14.17
CA HIS D 297 -2.75 17.18 14.40
C HIS D 297 -2.42 18.63 14.09
N GLY D 298 -3.41 19.37 13.62
CA GLY D 298 -3.23 20.78 13.42
C GLY D 298 -4.53 21.47 13.12
N GLY D 299 -4.42 22.73 12.70
CA GLY D 299 -5.59 23.50 12.31
C GLY D 299 -6.26 22.97 11.05
N VAL D 300 -7.53 23.35 10.89
CA VAL D 300 -8.37 22.81 9.83
C VAL D 300 -7.83 23.15 8.45
N ALA D 301 -7.00 24.19 8.32
CA ALA D 301 -6.40 24.48 7.02
C ALA D 301 -5.12 23.69 6.79
N GLU D 302 -4.66 22.95 7.78
CA GLU D 302 -3.48 22.11 7.63
C GLU D 302 -3.74 20.63 7.87
N GLN D 303 -4.90 20.26 8.41
CA GLN D 303 -5.17 18.91 8.88
C GLN D 303 -5.49 18.02 7.70
N CYS D 304 -4.59 17.10 7.38
CA CYS D 304 -4.82 16.12 6.34
C CYS D 304 -5.26 14.82 6.97
N LYS D 305 -5.37 13.80 6.13
CA LYS D 305 -5.94 12.52 6.52
C LYS D 305 -5.46 11.50 5.49
N ARG D 306 -4.76 10.47 5.94
CA ARG D 306 -4.39 9.34 5.09
C ARG D 306 -5.47 8.27 5.21
N ARG D 307 -5.85 7.70 4.09
CA ARG D 307 -6.87 6.65 4.04
C ARG D 307 -6.17 5.41 3.50
N THR D 308 -6.07 4.38 4.36
CA THR D 308 -5.41 3.14 4.00
C THR D 308 -6.44 2.05 3.82
N ILE D 309 -6.26 1.26 2.77
CA ILE D 309 -7.16 0.17 2.46
C ILE D 309 -6.35 -1.12 2.49
N LEU D 310 -6.66 -1.97 3.47
CA LEU D 310 -6.06 -3.30 3.60
C LEU D 310 -6.92 -4.35 2.89
N THR D 311 -6.28 -5.29 2.22
CA THR D 311 -6.97 -6.41 1.59
C THR D 311 -6.41 -7.72 2.15
N THR D 312 -7.32 -8.63 2.54
CA THR D 312 -6.93 -9.90 3.15
C THR D 312 -6.83 -10.98 2.08
N SER D 313 -6.09 -12.04 2.40
CA SER D 313 -5.90 -13.14 1.44
C SER D 313 -7.20 -13.92 1.19
N HIS D 314 -8.08 -14.02 2.20
CA HIS D 314 -9.36 -14.67 2.02
C HIS D 314 -10.45 -13.70 2.45
N LEU D 315 -11.68 -14.02 2.08
CA LEU D 315 -12.86 -13.20 2.41
C LEU D 315 -13.44 -13.65 3.75
N PHE D 316 -13.90 -12.67 4.56
CA PHE D 316 -14.70 -12.99 5.76
C PHE D 316 -16.14 -13.22 5.34
N PRO D 317 -16.86 -14.15 5.99
CA PRO D 317 -16.39 -15.06 7.06
C PRO D 317 -15.62 -16.22 6.45
N TYR D 318 -14.71 -16.76 7.23
CA TYR D 318 -13.78 -17.77 6.75
C TYR D 318 -13.72 -18.90 7.77
N VAL D 319 -12.80 -19.85 7.58
CA VAL D 319 -12.63 -20.91 8.57
C VAL D 319 -11.79 -20.46 9.75
N LYS D 320 -11.18 -19.26 9.70
CA LYS D 320 -10.47 -18.71 10.86
C LYS D 320 -10.97 -17.29 11.15
N LYS D 321 -10.72 -16.84 12.38
CA LYS D 321 -11.12 -15.49 12.75
C LYS D 321 -10.09 -14.45 12.36
N ARG D 322 -8.90 -14.86 11.92
CA ARG D 322 -7.84 -13.94 11.59
C ARG D 322 -7.30 -14.27 10.20
N ILE D 323 -7.20 -13.27 9.34
CA ILE D 323 -6.74 -13.49 7.98
C ILE D 323 -5.61 -12.53 7.65
N GLN D 324 -4.59 -13.04 6.99
CA GLN D 324 -3.45 -12.21 6.67
C GLN D 324 -3.83 -11.09 5.71
N VAL D 325 -3.22 -9.92 5.93
CA VAL D 325 -3.24 -8.83 4.97
C VAL D 325 -2.17 -9.11 3.93
N ILE D 326 -2.56 -9.09 2.65
CA ILE D 326 -1.64 -9.38 1.55
C ILE D 326 -1.45 -8.18 0.64
N SER D 327 -2.08 -7.06 0.95
CA SER D 327 -2.15 -5.95 0.03
C SER D 327 -2.55 -4.72 0.82
N GLN D 328 -1.93 -3.58 0.51
CA GLN D 328 -2.46 -2.34 1.03
C GLN D 328 -2.23 -1.23 0.03
N SER D 329 -3.19 -0.33 -0.07
CA SER D 329 -3.05 0.89 -0.85
C SER D 329 -3.45 2.06 0.03
N SER D 330 -2.91 3.23 -0.27
CA SER D 330 -3.26 4.39 0.53
C SER D 330 -3.38 5.61 -0.38
N THR D 331 -3.96 6.65 0.17
CA THR D 331 -4.19 7.87 -0.58
C THR D 331 -4.26 9.00 0.43
N GLU D 332 -3.92 10.21 0.01
CA GLU D 332 -3.87 11.32 0.94
C GLU D 332 -4.92 12.38 0.59
N LEU D 333 -5.71 12.77 1.59
CA LEU D 333 -6.68 13.84 1.47
C LEU D 333 -6.05 15.13 1.97
N ASN D 334 -6.02 16.17 1.10
CA ASN D 334 -5.66 17.56 1.47
C ASN D 334 -6.66 18.14 2.48
N PRO D 335 -6.36 19.29 3.11
CA PRO D 335 -7.35 19.87 4.03
C PRO D 335 -8.70 20.19 3.40
N ILE D 336 -8.74 20.71 2.17
CA ILE D 336 -10.05 20.97 1.59
C ILE D 336 -10.78 19.67 1.26
N GLU D 337 -10.03 18.59 0.96
CA GLU D 337 -10.66 17.31 0.68
C GLU D 337 -11.23 16.70 1.95
N VAL D 338 -10.53 16.88 3.08
CA VAL D 338 -11.06 16.46 4.38
C VAL D 338 -12.36 17.21 4.67
N ALA D 339 -12.38 18.53 4.42
CA ALA D 339 -13.60 19.31 4.60
C ALA D 339 -14.72 18.75 3.73
N ILE D 340 -14.47 18.54 2.44
CA ILE D 340 -15.45 17.95 1.55
C ILE D 340 -15.97 16.63 2.14
N ASP D 341 -15.05 15.77 2.56
CA ASP D 341 -15.40 14.48 3.13
C ASP D 341 -16.33 14.63 4.34
N GLU D 342 -15.94 15.44 5.33
CA GLU D 342 -16.74 15.51 6.55
C GLU D 342 -18.09 16.20 6.32
N MET D 343 -18.12 17.26 5.51
CA MET D 343 -19.38 17.93 5.22
C MET D 343 -20.36 17.03 4.46
N SER D 344 -19.89 16.22 3.52
CA SER D 344 -20.84 15.35 2.82
C SER D 344 -21.39 14.29 3.75
N LYS D 345 -20.53 13.76 4.63
CA LYS D 345 -21.04 12.82 5.62
C LYS D 345 -22.13 13.48 6.45
N LYS D 346 -21.85 14.69 6.95
CA LYS D 346 -22.82 15.33 7.85
C LYS D 346 -24.13 15.58 7.14
N VAL D 347 -24.06 16.06 5.90
CA VAL D 347 -25.29 16.28 5.14
C VAL D 347 -26.07 14.98 5.02
N SER D 348 -25.38 13.90 4.64
CA SER D 348 -26.02 12.62 4.41
C SER D 348 -26.65 12.07 5.70
N GLU D 349 -25.93 12.10 6.82
CA GLU D 349 -26.52 11.50 8.01
C GLU D 349 -27.68 12.35 8.56
N LEU D 350 -27.60 13.67 8.42
CA LEU D 350 -28.75 14.50 8.79
C LEU D 350 -29.95 14.19 7.91
N ASN D 351 -29.71 13.99 6.61
CA ASN D 351 -30.81 13.68 5.70
C ASN D 351 -31.50 12.37 6.08
N GLN D 352 -30.73 11.31 6.35
CA GLN D 352 -31.37 10.05 6.70
C GLN D 352 -31.97 10.04 8.10
N LEU D 353 -31.60 10.98 8.97
CA LEU D 353 -32.28 11.06 10.26
C LEU D 353 -33.66 11.71 10.12
N CYS D 354 -33.82 12.58 9.13
CA CYS D 354 -35.10 13.20 8.88
C CYS D 354 -36.05 12.28 8.10
N THR D 355 -35.52 11.35 7.30
CA THR D 355 -36.32 10.46 6.46
C THR D 355 -36.47 9.06 7.04
N MET D 356 -36.12 8.87 8.30
CA MET D 356 -36.41 7.62 8.97
C MET D 356 -37.91 7.44 9.16
N GLU D 357 -38.32 6.18 9.29
CA GLU D 357 -39.71 5.82 9.57
C GLU D 357 -40.20 6.59 10.79
N GLU D 358 -39.71 6.23 11.96
CA GLU D 358 -39.95 7.01 13.17
C GLU D 358 -38.62 7.56 13.67
N VAL D 359 -38.58 8.89 13.83
CA VAL D 359 -37.34 9.64 13.99
C VAL D 359 -36.86 9.58 15.43
N ASP D 360 -35.61 9.19 15.61
CA ASP D 360 -34.94 9.28 16.91
C ASP D 360 -34.78 10.76 17.26
N MET D 361 -35.70 11.29 18.06
CA MET D 361 -35.66 12.70 18.43
C MET D 361 -34.35 13.06 19.13
N ILE D 362 -33.85 12.17 20.00
CA ILE D 362 -32.63 12.48 20.73
C ILE D 362 -31.43 12.47 19.79
N ARG D 363 -31.33 11.45 18.94
CA ARG D 363 -30.24 11.39 17.97
C ARG D 363 -30.31 12.55 17.00
N LEU D 364 -31.52 12.99 16.64
CA LEU D 364 -31.70 14.14 15.77
C LEU D 364 -31.20 15.41 16.45
N GLN D 365 -31.51 15.58 17.74
CA GLN D 365 -31.05 16.76 18.45
C GLN D 365 -29.54 16.70 18.69
N LEU D 366 -29.01 15.51 18.93
CA LEU D 366 -27.58 15.35 19.06
C LEU D 366 -26.84 15.87 17.82
N LYS D 367 -27.21 15.37 16.63
CA LYS D 367 -26.49 15.78 15.44
C LYS D 367 -26.75 17.24 15.11
N LEU D 368 -28.01 17.67 15.26
CA LEU D 368 -28.37 19.04 14.89
C LEU D 368 -27.70 20.05 15.84
N GLN D 369 -27.82 19.85 17.15
CA GLN D 369 -27.14 20.75 18.07
C GLN D 369 -25.66 20.81 17.77
N GLY D 370 -25.06 19.65 17.45
CA GLY D 370 -23.64 19.51 17.17
C GLY D 370 -23.20 20.03 15.82
N SER D 371 -24.15 20.50 15.00
CA SER D 371 -23.88 21.22 13.76
C SER D 371 -24.14 22.71 13.84
N VAL D 372 -25.27 23.15 14.40
CA VAL D 372 -25.65 24.56 14.36
C VAL D 372 -25.36 25.32 15.66
N SER D 373 -24.96 24.62 16.75
CA SER D 373 -24.62 25.23 18.04
C SER D 373 -23.27 24.75 18.56
N VAL D 374 -22.26 24.65 17.70
CA VAL D 374 -20.95 24.15 18.12
C VAL D 374 -20.29 25.14 19.08
N LYS D 375 -19.79 24.63 20.21
CA LYS D 375 -19.20 25.48 21.24
C LYS D 375 -17.92 24.89 21.83
N VAL D 376 -17.59 23.64 21.54
CA VAL D 376 -16.36 23.02 22.00
C VAL D 376 -15.35 22.89 20.87
N ASN D 377 -15.75 22.29 19.75
CA ASN D 377 -14.85 22.13 18.62
C ASN D 377 -15.00 23.34 17.69
N ALA D 378 -14.31 23.29 16.55
CA ALA D 378 -14.21 24.50 15.74
C ALA D 378 -15.50 24.85 15.02
N GLY D 379 -16.42 23.91 14.86
CA GLY D 379 -17.65 24.16 14.14
C GLY D 379 -17.46 24.21 12.65
N PRO D 380 -18.47 23.79 11.90
CA PRO D 380 -18.34 23.70 10.44
C PRO D 380 -18.06 25.03 9.75
N MET D 381 -18.26 26.16 10.41
CA MET D 381 -17.91 27.42 9.79
C MET D 381 -16.39 27.61 9.75
N ALA D 382 -15.65 26.86 10.57
CA ALA D 382 -14.20 26.86 10.43
C ALA D 382 -13.79 26.34 9.05
N TYR D 383 -14.51 25.35 8.52
CA TYR D 383 -14.24 24.89 7.16
C TYR D 383 -14.58 25.98 6.13
N ALA D 384 -15.70 26.68 6.32
CA ALA D 384 -16.10 27.74 5.40
C ALA D 384 -15.10 28.89 5.40
N ARG D 385 -14.67 29.33 6.59
CA ARG D 385 -13.74 30.45 6.67
C ARG D 385 -12.41 30.11 6.02
N ALA D 386 -11.94 28.87 6.23
CA ALA D 386 -10.63 28.44 5.77
C ALA D 386 -10.57 28.24 4.26
N PHE D 387 -11.65 27.76 3.64
CA PHE D 387 -11.58 27.35 2.25
C PHE D 387 -12.46 28.15 1.30
N LEU D 388 -13.50 28.82 1.80
CA LEU D 388 -14.48 29.44 0.93
C LEU D 388 -14.37 30.96 0.85
N GLU D 389 -13.79 31.62 1.86
CA GLU D 389 -13.59 33.07 1.78
C GLU D 389 -12.75 33.40 0.54
N GLU D 390 -13.02 34.58 -0.06
CA GLU D 390 -12.42 34.91 -1.37
C GLU D 390 -10.89 34.75 -1.37
N THR D 391 -10.19 35.41 -0.44
CA THR D 391 -8.73 35.38 -0.45
C THR D 391 -8.17 33.98 -0.25
N ASN D 392 -8.77 33.21 0.68
CA ASN D 392 -8.31 31.84 0.93
C ASN D 392 -8.66 30.89 -0.21
N ALA D 393 -9.83 31.05 -0.85
CA ALA D 393 -10.19 30.12 -1.92
C ALA D 393 -9.15 30.12 -3.04
N LYS D 394 -8.34 31.17 -3.16
CA LYS D 394 -7.39 31.21 -4.27
C LYS D 394 -6.30 30.15 -4.16
N LYS D 395 -6.14 29.51 -3.00
CA LYS D 395 -5.09 28.54 -2.74
C LYS D 395 -5.49 27.10 -3.07
N TYR D 396 -6.69 26.86 -3.56
CA TYR D 396 -7.18 25.51 -3.77
C TYR D 396 -7.83 25.41 -5.14
N PRO D 397 -7.94 24.20 -5.68
CA PRO D 397 -8.53 24.03 -7.02
C PRO D 397 -9.94 24.59 -7.11
N ASP D 398 -10.26 25.20 -8.25
CA ASP D 398 -11.59 25.76 -8.44
C ASP D 398 -12.67 24.71 -8.26
N ASN D 399 -12.46 23.51 -8.81
CA ASN D 399 -13.48 22.49 -8.76
C ASN D 399 -13.76 22.05 -7.32
N GLN D 400 -12.73 22.02 -6.49
CA GLN D 400 -12.99 21.62 -5.12
C GLN D 400 -13.67 22.73 -4.33
N VAL D 401 -13.30 23.98 -4.60
CA VAL D 401 -13.96 25.09 -3.94
C VAL D 401 -15.44 25.14 -4.30
N LYS D 402 -15.78 24.96 -5.59
CA LYS D 402 -17.19 24.99 -5.96
C LYS D 402 -17.92 23.78 -5.39
N LEU D 403 -17.25 22.62 -5.28
CA LEU D 403 -17.89 21.46 -4.67
C LEU D 403 -18.12 21.67 -3.18
N LEU D 404 -17.13 22.20 -2.47
CA LEU D 404 -17.34 22.51 -1.06
C LEU D 404 -18.47 23.53 -0.89
N LYS D 405 -18.62 24.46 -1.84
CA LYS D 405 -19.70 25.43 -1.78
C LYS D 405 -21.06 24.75 -1.92
N GLU D 406 -21.19 23.84 -2.89
CA GLU D 406 -22.45 23.13 -3.08
C GLU D 406 -22.83 22.32 -1.84
N ILE D 407 -21.87 21.55 -1.30
CA ILE D 407 -22.13 20.74 -0.10
C ILE D 407 -22.61 21.62 1.05
N PHE D 408 -22.06 22.83 1.19
CA PHE D 408 -22.50 23.70 2.27
C PHE D 408 -23.93 24.19 2.08
N ARG D 409 -24.36 24.34 0.83
CA ARG D 409 -25.75 24.66 0.56
C ARG D 409 -26.64 23.50 0.98
N GLN D 410 -26.22 22.28 0.66
CA GLN D 410 -26.96 21.10 1.14
C GLN D 410 -26.90 21.01 2.66
N PHE D 411 -25.87 21.55 3.27
CA PHE D 411 -25.79 21.53 4.72
C PHE D 411 -26.76 22.54 5.33
N ALA D 412 -26.92 23.70 4.68
CA ALA D 412 -27.92 24.64 5.15
C ALA D 412 -29.33 24.06 5.03
N ASP D 413 -29.62 23.38 3.91
CA ASP D 413 -30.93 22.77 3.74
C ASP D 413 -31.15 21.62 4.71
N ALA D 414 -30.10 20.85 5.01
CA ALA D 414 -30.24 19.70 5.90
C ALA D 414 -30.47 20.13 7.34
N CYS D 415 -29.80 21.19 7.80
CA CYS D 415 -30.13 21.71 9.12
C CYS D 415 -31.53 22.30 9.13
N GLY D 416 -31.91 23.04 8.08
CA GLY D 416 -33.27 23.55 8.00
C GLY D 416 -34.30 22.44 8.12
N GLN D 417 -34.17 21.41 7.28
CA GLN D 417 -35.04 20.24 7.37
C GLN D 417 -35.01 19.63 8.78
N ALA D 418 -33.83 19.53 9.40
CA ALA D 418 -33.76 18.94 10.74
C ALA D 418 -34.46 19.80 11.79
N LEU D 419 -34.47 21.12 11.63
CA LEU D 419 -35.13 21.94 12.64
C LEU D 419 -36.65 21.78 12.56
N ASP D 420 -37.17 21.71 11.34
CA ASP D 420 -38.61 21.55 11.15
C ASP D 420 -39.09 20.20 11.68
N VAL D 421 -38.33 19.13 11.43
CA VAL D 421 -38.71 17.83 11.97
C VAL D 421 -38.67 17.86 13.50
N ASN D 422 -37.71 18.58 14.09
CA ASN D 422 -37.56 18.52 15.53
C ASN D 422 -38.72 19.20 16.26
N GLU D 423 -39.29 20.26 15.70
CA GLU D 423 -40.37 20.93 16.40
C GLU D 423 -41.72 20.23 16.25
N ARG D 424 -41.86 19.33 15.27
CA ARG D 424 -42.99 18.42 15.25
C ARG D 424 -42.94 17.39 16.39
N LEU D 425 -41.82 17.28 17.10
CA LEU D 425 -41.64 16.20 18.05
C LEU D 425 -41.29 16.64 19.47
N ILE D 426 -41.12 17.92 19.71
CA ILE D 426 -40.73 18.33 21.05
C ILE D 426 -41.99 18.55 21.90
N LYS D 427 -41.81 18.43 23.21
CA LYS D 427 -42.82 18.84 24.17
C LYS D 427 -42.49 20.27 24.65
N GLU D 428 -43.32 20.79 25.56
CA GLU D 428 -43.16 22.19 25.97
C GLU D 428 -41.83 22.42 26.68
N ASP D 429 -41.18 21.35 27.14
CA ASP D 429 -39.91 21.44 27.84
C ASP D 429 -38.75 21.77 26.90
N GLN D 430 -38.98 21.77 25.59
CA GLN D 430 -37.92 21.99 24.61
C GLN D 430 -38.21 23.17 23.69
N LEU D 431 -39.26 23.96 23.95
CA LEU D 431 -39.57 25.07 23.06
C LEU D 431 -38.48 26.15 23.12
N GLU D 432 -37.98 26.45 24.32
CA GLU D 432 -36.90 27.43 24.45
C GLU D 432 -35.57 26.89 23.92
N TYR D 433 -35.32 25.59 24.11
CA TYR D 433 -34.17 24.92 23.53
C TYR D 433 -34.21 24.98 22.00
N GLN D 434 -35.36 24.63 21.41
CA GLN D 434 -35.54 24.70 19.96
C GLN D 434 -35.40 26.13 19.45
N GLU D 435 -35.86 27.11 20.23
CA GLU D 435 -35.75 28.50 19.83
C GLU D 435 -34.29 28.90 19.68
N GLU D 436 -33.46 28.53 20.65
CA GLU D 436 -32.04 28.81 20.60
C GLU D 436 -31.30 28.02 19.53
N LEU D 437 -31.84 26.88 19.08
CA LEU D 437 -31.25 26.19 17.93
C LEU D 437 -31.51 26.98 16.65
N ARG D 438 -32.71 27.56 16.53
CA ARG D 438 -33.05 28.36 15.36
C ARG D 438 -32.20 29.62 15.29
N SER D 439 -32.09 30.34 16.41
CA SER D 439 -31.26 31.53 16.46
C SER D 439 -29.81 31.22 16.07
N HIS D 440 -29.29 30.07 16.51
CA HIS D 440 -27.95 29.65 16.10
C HIS D 440 -27.91 29.27 14.63
N TYR D 441 -28.96 28.63 14.13
CA TYR D 441 -28.99 28.26 12.73
C TYR D 441 -28.98 29.49 11.83
N LYS D 442 -29.61 30.58 12.26
CA LYS D 442 -29.62 31.77 11.43
C LYS D 442 -28.34 32.59 11.56
N ASP D 443 -27.77 32.66 12.77
CA ASP D 443 -26.46 33.28 12.92
C ASP D 443 -25.40 32.57 12.10
N MET D 444 -25.54 31.25 11.92
CA MET D 444 -24.66 30.50 11.04
C MET D 444 -24.91 30.83 9.58
N LEU D 445 -26.18 30.88 9.19
CA LEU D 445 -26.49 31.24 7.81
C LEU D 445 -26.12 32.69 7.52
N SER D 446 -26.09 33.54 8.54
CA SER D 446 -25.64 34.90 8.33
C SER D 446 -24.15 34.92 7.99
N GLU D 447 -23.35 34.14 8.73
CA GLU D 447 -21.93 34.10 8.44
C GLU D 447 -21.64 33.36 7.14
N LEU D 448 -22.34 32.26 6.88
CA LEU D 448 -22.08 31.54 5.64
C LEU D 448 -22.43 32.40 4.43
N SER D 449 -23.44 33.27 4.55
CA SER D 449 -23.78 34.15 3.43
C SER D 449 -22.69 35.18 3.18
N THR D 450 -22.12 35.75 4.24
CA THR D 450 -21.01 36.69 4.10
C THR D 450 -19.78 36.02 3.50
N VAL D 451 -19.46 34.81 3.95
CA VAL D 451 -18.26 34.14 3.48
C VAL D 451 -18.42 33.70 2.03
N MET D 452 -19.57 33.14 1.69
CA MET D 452 -19.78 32.72 0.32
C MET D 452 -20.16 33.88 -0.60
N ASN D 453 -20.39 35.07 -0.04
CA ASN D 453 -20.90 36.20 -0.80
C ASN D 453 -22.12 35.78 -1.61
N GLU D 454 -23.10 35.27 -0.88
CA GLU D 454 -24.29 34.71 -1.50
C GLU D 454 -25.32 34.53 -0.40
N GLN D 455 -26.58 34.85 -0.73
CA GLN D 455 -27.66 34.70 0.23
C GLN D 455 -28.00 33.22 0.41
N ILE D 456 -27.88 32.72 1.63
CA ILE D 456 -28.22 31.35 1.98
C ILE D 456 -29.46 31.40 2.85
N THR D 457 -30.58 30.90 2.33
CA THR D 457 -31.88 31.06 2.97
C THR D 457 -32.27 29.84 3.80
N GLY D 458 -32.32 28.66 3.19
CA GLY D 458 -32.58 27.43 3.93
C GLY D 458 -33.04 26.24 3.11
PB GDP E . -11.98 19.50 28.26
O1B GDP E . -11.32 20.83 28.07
O2B GDP E . -13.02 19.28 27.17
O3B GDP E . -12.61 19.47 29.63
O3A GDP E . -10.89 18.33 28.12
PA GDP E . -9.83 18.28 26.91
O1A GDP E . -9.82 19.56 26.11
O2A GDP E . -10.04 17.06 26.04
O5' GDP E . -8.44 18.04 27.66
C5' GDP E . -7.43 19.06 27.61
C4' GDP E . -6.07 18.40 27.55
O4' GDP E . -6.03 17.28 28.43
C3' GDP E . -5.69 17.89 26.17
O3' GDP E . -4.44 18.47 25.77
C2' GDP E . -5.54 16.38 26.31
O2' GDP E . -4.44 15.83 25.58
C1' GDP E . -5.35 16.18 27.81
N9 GDP E . -5.93 14.89 28.23
C8 GDP E . -7.22 14.52 28.13
N7 GDP E . -7.41 13.28 28.62
C5 GDP E . -6.22 12.82 29.06
C6 GDP E . -5.72 11.58 29.71
O6 GDP E . -6.49 10.63 29.97
N1 GDP E . -4.42 11.52 30.02
C2 GDP E . -3.57 12.53 29.76
N2 GDP E . -2.28 12.38 30.09
N3 GDP E . -3.96 13.70 29.17
C4 GDP E . -5.25 13.89 28.81
PB GDP F . 8.92 6.18 -33.43
O1B GDP F . 7.86 7.08 -34.05
O2B GDP F . 9.69 6.93 -32.36
O3B GDP F . 9.86 5.68 -34.53
O3A GDP F . 8.24 4.88 -32.78
PA GDP F . 7.06 4.96 -31.68
O1A GDP F . 6.48 6.35 -31.63
O2A GDP F . 7.59 4.55 -30.34
O5' GDP F . 6.08 3.84 -32.26
C5' GDP F . 4.85 4.20 -32.90
C4' GDP F . 3.77 3.17 -32.58
O4' GDP F . 4.25 1.86 -32.85
C3' GDP F . 3.39 3.19 -31.10
O3' GDP F . 1.98 3.07 -31.00
C2' GDP F . 4.02 1.93 -30.51
O2' GDP F . 3.21 1.28 -29.52
C1' GDP F . 4.06 1.02 -31.69
N9 GDP F . 5.17 0.04 -31.57
C8 GDP F . 6.46 0.33 -31.34
N7 GDP F . 7.21 -0.82 -31.33
C5 GDP F . 6.38 -1.87 -31.58
C6 GDP F . 6.48 -3.35 -31.72
O6 GDP F . 7.55 -3.97 -31.61
N1 GDP F . 5.38 -4.06 -31.99
C2 GDP F . 4.18 -3.49 -32.12
N2 GDP F . 3.13 -4.31 -32.39
N3 GDP F . 3.99 -2.14 -32.01
C4 GDP F . 5.03 -1.29 -31.74
C1 GOL G . -4.39 -28.66 7.26
O1 GOL G . -4.83 -28.40 5.94
C2 GOL G . -3.76 -27.38 7.75
O2 GOL G . -4.50 -26.31 7.17
C3 GOL G . -2.27 -27.33 7.36
O3 GOL G . -1.54 -28.23 8.18
#